data_2WAT
#
_entry.id   2WAT
#
_cell.length_a   145.587
_cell.length_b   73.764
_cell.length_c   105.689
_cell.angle_alpha   90.00
_cell.angle_beta   130.80
_cell.angle_gamma   90.00
#
_symmetry.space_group_name_H-M   'C 1 2 1'
#
loop_
_entity.id
_entity.type
_entity.pdbx_description
1 polymer '3-OXOACYL-[ACYL-CARRIER-PROTEIN] SYNTHASE'
2 non-polymer 'CHLORIDE ION'
3 non-polymer 'COENZYME A'
4 non-polymer 'MAGNESIUM ION'
5 water water
#
_entity_poly.entity_id   1
_entity_poly.type   'polypeptide(L)'
_entity_poly.pdbx_seq_one_letter_code
;NGGVGVDVELITSINVENDTFIERNFTPQEIEYCSAQPSVQSSFAGTWSAKEAVFKSLGVKSLGGGAALKDIEIVRVNKN
APAVELHGNAKKAAEEAGVTDVKVSISHDDLQAVAVAVSTKK
;
_entity_poly.pdbx_strand_id   A,B,C,D,E,F
#
loop_
_chem_comp.id
_chem_comp.type
_chem_comp.name
_chem_comp.formula
CL non-polymer 'CHLORIDE ION' 'Cl -1'
COA non-polymer 'COENZYME A' 'C21 H36 N7 O16 P3 S'
MG non-polymer 'MAGNESIUM ION' 'Mg 2'
#
# COMPACT_ATOMS: atom_id res chain seq x y z
N ASN A 1 21.25 11.62 -26.82
CA ASN A 1 21.73 12.20 -25.58
C ASN A 1 20.60 12.41 -24.57
N GLY A 2 20.96 12.66 -23.32
CA GLY A 2 20.02 12.71 -22.23
C GLY A 2 19.89 11.35 -21.57
N GLY A 3 19.24 11.32 -20.41
CA GLY A 3 18.98 10.09 -19.69
C GLY A 3 18.00 10.32 -18.56
N VAL A 4 17.20 9.32 -18.24
CA VAL A 4 16.24 9.45 -17.15
C VAL A 4 16.27 8.25 -16.21
N GLY A 5 15.96 8.48 -14.94
CA GLY A 5 15.93 7.40 -13.98
C GLY A 5 14.81 7.58 -12.98
N VAL A 6 14.18 6.47 -12.61
CA VAL A 6 13.17 6.49 -11.54
C VAL A 6 13.36 5.27 -10.65
N ASP A 7 13.13 5.45 -9.36
CA ASP A 7 13.20 4.34 -8.44
C ASP A 7 12.18 4.51 -7.34
N VAL A 8 11.51 3.42 -7.00
CA VAL A 8 10.54 3.44 -5.93
C VAL A 8 10.96 2.39 -4.90
N GLU A 9 10.88 2.75 -3.61
CA GLU A 9 11.32 1.85 -2.54
C GLU A 9 10.29 1.83 -1.43
N LEU A 10 10.09 0.67 -0.84
CA LEU A 10 9.33 0.58 0.40
C LEU A 10 10.13 1.27 1.52
N ILE A 11 9.46 2.00 2.38
CA ILE A 11 10.14 2.61 3.51
C ILE A 11 10.84 1.55 4.36
N THR A 12 10.18 0.40 4.52
CA THR A 12 10.69 -0.69 5.36
C THR A 12 11.85 -1.42 4.73
N SER A 13 12.24 -1.02 3.52
CA SER A 13 13.33 -1.68 2.82
C SER A 13 14.64 -1.29 3.45
N ILE A 14 14.64 -0.17 4.17
CA ILE A 14 15.83 0.25 4.88
C ILE A 14 15.76 -0.14 6.35
N ASN A 15 16.73 -0.94 6.76
CA ASN A 15 16.90 -1.29 8.17
C ASN A 15 17.95 -0.39 8.77
N VAL A 16 17.51 0.60 9.54
CA VAL A 16 18.41 1.59 10.12
C VAL A 16 19.43 0.95 11.05
N GLU A 17 19.12 -0.23 11.57
CA GLU A 17 20.06 -0.94 12.42
C GLU A 17 21.22 -1.54 11.66
N ASN A 18 21.02 -1.87 10.39
CA ASN A 18 22.06 -2.56 9.62
C ASN A 18 23.22 -1.62 9.31
N ASP A 19 24.05 -1.38 10.33
CA ASP A 19 25.17 -0.43 10.23
C ASP A 19 26.10 -0.77 9.09
N THR A 20 26.27 -2.06 8.82
CA THR A 20 27.18 -2.51 7.76
C THR A 20 26.69 -2.06 6.40
N PHE A 21 25.41 -2.27 6.12
CA PHE A 21 24.82 -1.81 4.88
C PHE A 21 24.89 -0.29 4.75
N ILE A 22 24.48 0.40 5.81
CA ILE A 22 24.49 1.87 5.80
C ILE A 22 25.89 2.42 5.53
N GLU A 23 26.87 1.89 6.26
CA GLU A 23 28.25 2.33 6.15
C GLU A 23 28.74 2.11 4.73
N ARG A 24 28.27 1.04 4.11
CA ARG A 24 28.75 0.64 2.80
C ARG A 24 28.18 1.48 1.68
N ASN A 25 26.99 2.03 1.90
CA ASN A 25 26.22 2.64 0.80
C ASN A 25 25.94 4.14 0.93
N PHE A 26 26.19 4.70 2.11
CA PHE A 26 25.92 6.12 2.36
C PHE A 26 27.18 6.80 2.87
N THR A 27 27.43 8.02 2.40
CA THR A 27 28.55 8.80 2.91
C THR A 27 28.24 9.29 4.31
N PRO A 28 29.28 9.64 5.08
CA PRO A 28 29.08 10.16 6.45
C PRO A 28 28.12 11.34 6.46
N GLN A 29 28.24 12.23 5.47
CA GLN A 29 27.30 13.34 5.36
C GLN A 29 25.86 12.91 5.07
N GLU A 30 25.67 11.85 4.28
CA GLU A 30 24.33 11.32 4.02
C GLU A 30 23.74 10.73 5.29
N ILE A 31 24.57 9.97 6.01
CA ILE A 31 24.12 9.32 7.23
C ILE A 31 23.77 10.37 8.27
N GLU A 32 24.56 11.44 8.31
CA GLU A 32 24.33 12.49 9.28
C GLU A 32 23.01 13.21 8.98
N TYR A 33 22.78 13.50 7.71
CA TYR A 33 21.55 14.16 7.31
C TYR A 33 20.33 13.29 7.64
N CYS A 34 20.31 12.07 7.13
CA CYS A 34 19.17 11.18 7.34
C CYS A 34 18.90 10.93 8.82
N SER A 35 19.96 10.75 9.60
CA SER A 35 19.83 10.49 11.03
C SER A 35 19.20 11.66 11.79
N ALA A 36 19.18 12.83 11.16
CA ALA A 36 18.69 14.04 11.84
C ALA A 36 17.28 14.42 11.42
N GLN A 37 16.69 13.65 10.51
CA GLN A 37 15.36 13.98 10.01
C GLN A 37 14.27 13.46 10.94
N PRO A 38 13.04 14.02 10.83
CA PRO A 38 11.92 13.60 11.67
C PRO A 38 11.64 12.09 11.56
N SER A 39 11.62 11.58 10.34
CA SER A 39 11.53 10.14 10.14
C SER A 39 12.81 9.61 9.51
N VAL A 40 13.65 8.99 10.32
CA VAL A 40 14.98 8.57 9.88
C VAL A 40 14.91 7.47 8.82
N GLN A 41 14.07 6.48 9.05
CA GLN A 41 13.95 5.36 8.13
C GLN A 41 13.47 5.84 6.76
N SER A 42 12.49 6.72 6.78
CA SER A 42 11.93 7.28 5.56
C SER A 42 12.97 8.08 4.77
N SER A 43 13.78 8.86 5.49
CA SER A 43 14.83 9.65 4.89
C SER A 43 15.90 8.80 4.21
N PHE A 44 16.37 7.75 4.89
CA PHE A 44 17.30 6.80 4.27
C PHE A 44 16.69 6.15 3.03
N ALA A 45 15.42 5.75 3.12
CA ALA A 45 14.74 5.13 1.98
C ALA A 45 14.71 6.07 0.79
N GLY A 46 14.44 7.35 1.05
CA GLY A 46 14.39 8.34 -0.02
C GLY A 46 15.76 8.55 -0.65
N THR A 47 16.78 8.60 0.18
CA THR A 47 18.15 8.74 -0.30
C THR A 47 18.56 7.53 -1.13
N TRP A 48 18.18 6.34 -0.66
CA TRP A 48 18.45 5.11 -1.39
C TRP A 48 17.78 5.13 -2.77
N SER A 49 16.52 5.54 -2.80
CA SER A 49 15.79 5.67 -4.07
C SER A 49 16.48 6.65 -5.02
N ALA A 50 16.96 7.76 -4.47
CA ALA A 50 17.64 8.76 -5.26
C ALA A 50 18.93 8.18 -5.89
N LYS A 51 19.70 7.43 -5.09
CA LYS A 51 20.90 6.79 -5.61
C LYS A 51 20.56 5.88 -6.79
N GLU A 52 19.51 5.07 -6.63
CA GLU A 52 19.10 4.14 -7.68
C GLU A 52 18.61 4.88 -8.92
N ALA A 53 17.82 5.93 -8.70
CA ALA A 53 17.29 6.71 -9.80
C ALA A 53 18.44 7.32 -10.58
N VAL A 54 19.37 7.93 -9.87
CA VAL A 54 20.54 8.52 -10.51
C VAL A 54 21.32 7.48 -11.33
N PHE A 55 21.53 6.30 -10.75
CA PHE A 55 22.24 5.26 -11.47
C PHE A 55 21.55 4.91 -12.79
N LYS A 56 20.23 4.75 -12.75
CA LYS A 56 19.48 4.37 -13.94
C LYS A 56 19.55 5.43 -15.03
N SER A 57 19.79 6.68 -14.63
CA SER A 57 19.79 7.80 -15.57
C SER A 57 21.11 7.91 -16.30
N LEU A 58 22.12 7.23 -15.78
CA LEU A 58 23.48 7.34 -16.32
C LEU A 58 23.64 6.61 -17.63
N GLY A 59 22.85 5.56 -17.83
CA GLY A 59 22.92 4.78 -19.05
C GLY A 59 24.19 3.96 -19.09
N VAL A 60 24.48 3.25 -18.01
CA VAL A 60 25.66 2.38 -17.92
C VAL A 60 25.16 0.98 -17.53
N LYS A 61 25.87 -0.09 -17.86
CA LYS A 61 25.33 -1.41 -17.53
C LYS A 61 25.54 -1.76 -16.05
N SER A 62 26.63 -1.22 -15.49
CA SER A 62 26.88 -1.26 -14.05
C SER A 62 28.03 -0.30 -13.75
N LEU A 63 28.30 -0.05 -12.47
CA LEU A 63 29.30 0.96 -12.10
C LEU A 63 30.74 0.48 -12.20
N GLY A 64 30.93 -0.83 -12.17
CA GLY A 64 32.26 -1.41 -12.18
C GLY A 64 32.67 -1.84 -10.79
N GLY A 65 31.88 -2.73 -10.20
CA GLY A 65 32.17 -3.30 -8.89
C GLY A 65 32.39 -2.30 -7.77
N GLY A 66 31.71 -2.52 -6.65
CA GLY A 66 30.72 -3.59 -6.57
C GLY A 66 29.35 -3.00 -6.83
N ALA A 67 28.36 -3.50 -6.10
CA ALA A 67 27.00 -2.98 -6.22
C ALA A 67 26.79 -1.77 -5.30
N ALA A 68 27.76 -1.47 -4.44
CA ALA A 68 27.64 -0.39 -3.47
C ALA A 68 27.38 0.97 -4.14
N LEU A 69 26.62 1.84 -3.50
CA LEU A 69 26.22 3.09 -4.12
C LEU A 69 26.74 4.30 -3.39
N LYS A 70 27.80 4.12 -2.60
CA LYS A 70 28.39 5.23 -1.87
C LYS A 70 28.91 6.30 -2.83
N ASP A 71 29.31 5.88 -4.03
CA ASP A 71 29.89 6.77 -5.05
C ASP A 71 28.90 7.79 -5.60
N ILE A 72 27.61 7.51 -5.43
CA ILE A 72 26.58 8.44 -5.86
C ILE A 72 26.07 9.16 -4.63
N GLU A 73 26.49 10.41 -4.45
CA GLU A 73 26.19 11.12 -3.23
C GLU A 73 25.10 12.16 -3.40
N ILE A 74 24.12 12.11 -2.51
CA ILE A 74 23.05 13.09 -2.48
C ILE A 74 23.42 14.19 -1.49
N VAL A 75 23.58 15.41 -1.98
CA VAL A 75 23.93 16.53 -1.11
C VAL A 75 22.75 17.47 -0.93
N ARG A 76 22.59 17.98 0.28
CA ARG A 76 21.40 18.69 0.69
C ARG A 76 21.79 20.08 1.14
N VAL A 77 20.97 21.07 0.78
CA VAL A 77 21.17 22.44 1.26
C VAL A 77 19.87 22.98 1.86
N ASN A 78 19.74 22.84 3.18
CA ASN A 78 18.57 23.27 3.94
C ASN A 78 17.57 24.13 3.16
N LYS A 79 16.30 23.73 3.22
CA LYS A 79 15.21 24.49 2.60
C LYS A 79 15.28 24.48 1.07
N ASN A 80 16.35 23.89 0.53
CA ASN A 80 16.59 23.82 -0.92
C ASN A 80 16.58 22.40 -1.51
N ALA A 81 16.70 22.32 -2.84
CA ALA A 81 16.62 21.05 -3.56
C ALA A 81 17.82 20.13 -3.25
N PRO A 82 17.62 18.80 -3.34
CA PRO A 82 18.75 17.89 -3.19
C PRO A 82 19.59 17.97 -4.45
N ALA A 83 20.87 17.65 -4.36
CA ALA A 83 21.77 17.71 -5.50
C ALA A 83 22.60 16.44 -5.57
N VAL A 84 23.20 16.19 -6.72
CA VAL A 84 23.97 14.97 -6.92
C VAL A 84 25.47 15.26 -7.07
N GLU A 85 26.28 14.48 -6.36
CA GLU A 85 27.72 14.50 -6.53
C GLU A 85 28.21 13.08 -6.76
N LEU A 86 28.88 12.86 -7.89
CA LEU A 86 29.40 11.54 -8.21
C LEU A 86 30.86 11.44 -7.80
N HIS A 87 31.24 10.30 -7.24
CA HIS A 87 32.62 10.05 -6.86
C HIS A 87 33.08 8.71 -7.40
N GLY A 88 34.38 8.43 -7.26
CA GLY A 88 34.93 7.12 -7.59
C GLY A 88 34.48 6.55 -8.92
N ASN A 89 34.00 5.30 -8.89
CA ASN A 89 33.56 4.59 -10.10
C ASN A 89 32.36 5.24 -10.77
N ALA A 90 31.44 5.77 -9.97
CA ALA A 90 30.27 6.43 -10.52
C ALA A 90 30.69 7.60 -11.39
N LYS A 91 31.64 8.38 -10.89
CA LYS A 91 32.12 9.56 -11.61
C LYS A 91 32.79 9.14 -12.92
N LYS A 92 33.67 8.15 -12.84
CA LYS A 92 34.34 7.62 -14.02
C LYS A 92 33.32 7.13 -15.05
N ALA A 93 32.43 6.25 -14.62
CA ALA A 93 31.42 5.67 -15.52
C ALA A 93 30.55 6.74 -16.16
N ALA A 94 30.18 7.75 -15.37
CA ALA A 94 29.39 8.87 -15.88
C ALA A 94 30.15 9.65 -16.93
N GLU A 95 31.38 10.04 -16.60
CA GLU A 95 32.21 10.80 -17.54
C GLU A 95 32.43 10.00 -18.82
N GLU A 96 32.65 8.70 -18.65
CA GLU A 96 32.84 7.79 -19.78
C GLU A 96 31.58 7.73 -20.66
N ALA A 97 30.43 8.02 -20.06
CA ALA A 97 29.16 8.02 -20.78
C ALA A 97 28.80 9.43 -21.29
N GLY A 98 29.64 10.40 -21.00
CA GLY A 98 29.42 11.77 -21.43
C GLY A 98 28.42 12.56 -20.60
N VAL A 99 28.04 12.02 -19.45
CA VAL A 99 27.13 12.73 -18.55
C VAL A 99 27.81 13.96 -17.96
N THR A 100 27.18 15.12 -18.14
CA THR A 100 27.75 16.37 -17.69
C THR A 100 27.05 16.91 -16.44
N ASP A 101 25.85 16.40 -16.18
CA ASP A 101 25.07 16.86 -15.03
C ASP A 101 23.96 15.88 -14.68
N VAL A 102 23.61 15.81 -13.40
CA VAL A 102 22.47 15.01 -12.96
C VAL A 102 21.63 15.79 -11.96
N LYS A 103 20.32 15.85 -12.20
CA LYS A 103 19.38 16.43 -11.26
C LYS A 103 18.55 15.32 -10.63
N VAL A 104 18.13 15.51 -9.39
CA VAL A 104 17.33 14.49 -8.70
C VAL A 104 16.25 15.14 -7.85
N SER A 105 15.15 14.40 -7.66
CA SER A 105 14.10 14.83 -6.75
C SER A 105 13.62 13.66 -5.91
N ILE A 106 13.21 13.94 -4.67
CA ILE A 106 12.80 12.90 -3.75
C ILE A 106 11.43 13.21 -3.14
N SER A 107 10.65 12.15 -2.89
CA SER A 107 9.36 12.28 -2.22
C SER A 107 9.07 11.04 -1.39
N HIS A 108 8.35 11.21 -0.27
CA HIS A 108 7.90 10.09 0.55
C HIS A 108 6.43 10.27 0.89
N ASP A 109 5.73 9.16 1.12
CA ASP A 109 4.49 9.20 1.87
C ASP A 109 4.51 8.03 2.85
N ASP A 110 3.43 7.82 3.58
CA ASP A 110 3.39 6.78 4.59
C ASP A 110 3.91 5.44 4.07
N LEU A 111 3.68 5.18 2.79
CA LEU A 111 3.88 3.85 2.21
C LEU A 111 5.18 3.64 1.44
N GLN A 112 5.76 4.69 0.87
CA GLN A 112 6.92 4.48 0.03
C GLN A 112 7.71 5.75 -0.26
N ALA A 113 8.91 5.55 -0.80
CA ALA A 113 9.73 6.66 -1.24
C ALA A 113 9.95 6.51 -2.73
N VAL A 114 10.09 7.64 -3.41
CA VAL A 114 10.34 7.64 -4.83
C VAL A 114 11.31 8.76 -5.18
N ALA A 115 12.16 8.52 -6.17
CA ALA A 115 13.08 9.55 -6.66
C ALA A 115 13.13 9.50 -8.16
N VAL A 116 13.36 10.66 -8.76
CA VAL A 116 13.51 10.76 -10.21
C VAL A 116 14.76 11.56 -10.53
N ALA A 117 15.57 11.02 -11.43
CA ALA A 117 16.80 11.70 -11.85
C ALA A 117 16.80 11.94 -13.35
N VAL A 118 17.41 13.04 -13.76
CA VAL A 118 17.62 13.32 -15.17
C VAL A 118 19.07 13.73 -15.40
N SER A 119 19.68 13.13 -16.41
CA SER A 119 21.09 13.39 -16.70
C SER A 119 21.24 14.12 -18.03
N THR A 120 22.32 14.89 -18.15
CA THR A 120 22.60 15.69 -19.33
C THR A 120 23.93 15.28 -19.91
N LYS A 121 24.04 15.27 -21.23
CA LYS A 121 25.26 14.82 -21.91
C LYS A 121 25.88 15.95 -22.70
N GLY B 2 10.22 20.20 -25.27
CA GLY B 2 10.29 19.16 -24.25
C GLY B 2 8.94 18.54 -23.95
N GLY B 3 8.96 17.49 -23.13
CA GLY B 3 7.74 16.81 -22.70
C GLY B 3 8.08 15.85 -21.56
N VAL B 4 7.12 15.60 -20.67
CA VAL B 4 7.34 14.67 -19.58
C VAL B 4 6.14 13.75 -19.39
N GLY B 5 6.40 12.51 -19.00
CA GLY B 5 5.34 11.56 -18.75
C GLY B 5 5.59 10.75 -17.51
N VAL B 6 4.53 10.47 -16.75
CA VAL B 6 4.62 9.54 -15.63
C VAL B 6 3.40 8.63 -15.61
N ASP B 7 3.59 7.39 -15.21
CA ASP B 7 2.47 6.48 -15.05
C ASP B 7 2.74 5.51 -13.93
N VAL B 8 1.70 5.24 -13.16
CA VAL B 8 1.80 4.31 -12.06
C VAL B 8 0.75 3.24 -12.29
N GLU B 9 1.12 1.97 -12.07
CA GLU B 9 0.19 0.86 -12.27
C GLU B 9 0.25 -0.13 -11.12
N LEU B 10 -0.91 -0.65 -10.73
CA LEU B 10 -0.95 -1.74 -9.78
C LEU B 10 -0.35 -2.96 -10.46
N ILE B 11 0.43 -3.75 -9.72
CA ILE B 11 1.02 -4.95 -10.28
C ILE B 11 -0.08 -5.90 -10.77
N THR B 12 -1.16 -5.96 -10.00
CA THR B 12 -2.29 -6.85 -10.31
C THR B 12 -3.12 -6.37 -11.49
N SER B 13 -2.77 -5.22 -12.06
CA SER B 13 -3.51 -4.70 -13.20
C SER B 13 -3.20 -5.55 -14.42
N ILE B 14 -2.08 -6.26 -14.38
CA ILE B 14 -1.69 -7.11 -15.49
C ILE B 14 -2.08 -8.55 -15.22
N ASN B 15 -2.90 -9.10 -16.10
CA ASN B 15 -3.26 -10.50 -16.03
C ASN B 15 -2.44 -11.24 -17.07
N VAL B 16 -1.43 -11.94 -16.60
CA VAL B 16 -0.50 -12.64 -17.48
C VAL B 16 -1.20 -13.72 -18.30
N GLU B 17 -2.29 -14.26 -17.76
CA GLU B 17 -3.07 -15.33 -18.42
C GLU B 17 -3.93 -14.82 -19.56
N ASN B 18 -4.19 -13.53 -19.57
CA ASN B 18 -5.05 -12.91 -20.57
C ASN B 18 -4.30 -12.64 -21.87
N ASP B 19 -4.11 -13.69 -22.67
CA ASP B 19 -3.33 -13.63 -23.89
C ASP B 19 -3.82 -12.55 -24.84
N THR B 20 -5.13 -12.35 -24.86
CA THR B 20 -5.73 -11.36 -25.75
C THR B 20 -5.26 -9.95 -25.40
N PHE B 21 -5.33 -9.61 -24.12
CA PHE B 21 -4.87 -8.32 -23.65
C PHE B 21 -3.37 -8.13 -23.90
N ILE B 22 -2.57 -9.14 -23.54
CA ILE B 22 -1.14 -9.09 -23.73
C ILE B 22 -0.76 -8.89 -25.19
N GLU B 23 -1.36 -9.70 -26.06
CA GLU B 23 -1.01 -9.72 -27.47
C GLU B 23 -1.39 -8.41 -28.15
N ARG B 24 -2.47 -7.80 -27.66
CA ARG B 24 -2.97 -6.56 -28.23
C ARG B 24 -2.09 -5.35 -27.88
N ASN B 25 -1.39 -5.43 -26.75
CA ASN B 25 -0.70 -4.27 -26.21
C ASN B 25 0.82 -4.35 -26.14
N PHE B 26 1.37 -5.55 -26.30
CA PHE B 26 2.82 -5.75 -26.20
C PHE B 26 3.34 -6.41 -27.46
N THR B 27 4.50 -5.95 -27.95
CA THR B 27 5.14 -6.57 -29.10
C THR B 27 5.71 -7.92 -28.70
N PRO B 28 5.96 -8.79 -29.68
CA PRO B 28 6.52 -10.11 -29.38
C PRO B 28 7.82 -9.99 -28.57
N GLN B 29 8.65 -9.04 -28.94
CA GLN B 29 9.90 -8.79 -28.23
C GLN B 29 9.64 -8.40 -26.77
N GLU B 30 8.71 -7.50 -26.54
CA GLU B 30 8.39 -7.11 -25.18
C GLU B 30 7.87 -8.29 -24.38
N ILE B 31 7.03 -9.10 -25.02
CA ILE B 31 6.46 -10.27 -24.38
C ILE B 31 7.56 -11.27 -24.01
N GLU B 32 8.54 -11.43 -24.90
CA GLU B 32 9.61 -12.36 -24.65
C GLU B 32 10.46 -11.89 -23.46
N TYR B 33 10.75 -10.59 -23.43
CA TYR B 33 11.53 -10.04 -22.33
C TYR B 33 10.81 -10.22 -21.00
N CYS B 34 9.57 -9.73 -20.94
CA CYS B 34 8.84 -9.77 -19.68
C CYS B 34 8.64 -11.20 -19.19
N SER B 35 8.38 -12.10 -20.13
CA SER B 35 8.12 -13.50 -19.79
C SER B 35 9.36 -14.18 -19.19
N ALA B 36 10.52 -13.58 -19.39
CA ALA B 36 11.77 -14.19 -18.95
C ALA B 36 12.31 -13.59 -17.65
N GLN B 37 11.62 -12.58 -17.11
CA GLN B 37 12.06 -11.95 -15.87
C GLN B 37 11.64 -12.74 -14.63
N PRO B 38 12.30 -12.48 -13.49
CA PRO B 38 12.01 -13.18 -12.23
C PRO B 38 10.56 -13.02 -11.80
N SER B 39 10.02 -11.81 -11.90
CA SER B 39 8.59 -11.60 -11.69
C SER B 39 7.95 -11.11 -12.98
N VAL B 40 7.25 -12.02 -13.65
CA VAL B 40 6.70 -11.74 -14.97
C VAL B 40 5.60 -10.69 -14.93
N GLN B 41 4.70 -10.81 -13.96
CA GLN B 41 3.59 -9.88 -13.84
C GLN B 41 4.10 -8.46 -13.57
N SER B 42 5.10 -8.36 -12.70
CA SER B 42 5.68 -7.07 -12.36
C SER B 42 6.38 -6.45 -13.57
N SER B 43 7.03 -7.28 -14.37
CA SER B 43 7.75 -6.79 -15.55
C SER B 43 6.78 -6.24 -16.58
N PHE B 44 5.70 -6.95 -16.85
CA PHE B 44 4.65 -6.46 -17.75
C PHE B 44 4.06 -5.16 -17.23
N ALA B 45 3.83 -5.08 -15.93
CA ALA B 45 3.28 -3.88 -15.33
C ALA B 45 4.20 -2.69 -15.54
N GLY B 46 5.50 -2.91 -15.37
CA GLY B 46 6.48 -1.86 -15.55
C GLY B 46 6.54 -1.41 -17.00
N THR B 47 6.48 -2.36 -17.92
CA THR B 47 6.48 -2.04 -19.35
C THR B 47 5.21 -1.29 -19.76
N TRP B 48 4.07 -1.70 -19.21
CA TRP B 48 2.84 -0.98 -19.44
C TRP B 48 2.92 0.47 -18.94
N SER B 49 3.44 0.67 -17.73
CA SER B 49 3.65 2.01 -17.19
C SER B 49 4.55 2.85 -18.10
N ALA B 50 5.59 2.22 -18.64
CA ALA B 50 6.52 2.91 -19.53
C ALA B 50 5.82 3.38 -20.81
N LYS B 51 4.99 2.52 -21.37
CA LYS B 51 4.22 2.89 -22.54
C LYS B 51 3.34 4.11 -22.26
N GLU B 52 2.66 4.11 -21.12
CA GLU B 52 1.79 5.23 -20.75
C GLU B 52 2.59 6.50 -20.50
N ALA B 53 3.72 6.36 -19.80
CA ALA B 53 4.53 7.51 -19.50
C ALA B 53 5.03 8.13 -20.80
N VAL B 54 5.54 7.30 -21.69
CA VAL B 54 6.00 7.77 -22.99
C VAL B 54 4.88 8.49 -23.76
N PHE B 55 3.68 7.92 -23.76
CA PHE B 55 2.57 8.56 -24.45
C PHE B 55 2.31 9.96 -23.91
N LYS B 56 2.32 10.09 -22.59
CA LYS B 56 2.00 11.36 -21.94
C LYS B 56 3.04 12.43 -22.27
N SER B 57 4.27 12.00 -22.55
CA SER B 57 5.36 12.93 -22.81
C SER B 57 5.34 13.47 -24.23
N LEU B 58 4.57 12.82 -25.09
CA LEU B 58 4.52 13.20 -26.51
C LEU B 58 3.76 14.51 -26.73
N GLY B 59 2.79 14.79 -25.86
CA GLY B 59 1.99 15.99 -26.00
C GLY B 59 1.06 15.88 -27.19
N VAL B 60 0.33 14.77 -27.26
CA VAL B 60 -0.61 14.55 -28.35
C VAL B 60 -1.95 14.13 -27.82
N LYS B 61 -2.85 13.90 -28.75
CA LYS B 61 -4.19 13.51 -28.38
C LYS B 61 -4.35 12.01 -28.26
N SER B 62 -5.12 11.61 -27.25
CA SER B 62 -5.43 10.22 -27.02
C SER B 62 -6.43 9.70 -28.05
N LEU B 63 -6.22 8.47 -28.52
CA LEU B 63 -7.14 7.82 -29.44
C LEU B 63 -8.33 7.20 -28.71
N GLY B 64 -8.31 7.25 -27.38
CA GLY B 64 -9.40 6.73 -26.58
C GLY B 64 -8.89 5.77 -25.51
N GLY B 65 -9.63 5.67 -24.41
CA GLY B 65 -9.21 4.84 -23.30
C GLY B 65 -8.89 3.41 -23.66
N GLY B 66 -9.49 2.92 -24.74
CA GLY B 66 -9.31 1.53 -25.13
C GLY B 66 -8.33 1.26 -26.25
N ALA B 67 -7.65 2.28 -26.75
CA ALA B 67 -6.71 2.07 -27.85
C ALA B 67 -5.47 1.30 -27.39
N ALA B 68 -5.04 0.34 -28.20
CA ALA B 68 -3.89 -0.49 -27.88
C ALA B 68 -2.62 0.34 -27.85
N LEU B 69 -1.68 -0.05 -27.01
CA LEU B 69 -0.42 0.68 -26.91
C LEU B 69 0.73 -0.10 -27.55
N LYS B 70 0.40 -1.01 -28.45
CA LYS B 70 1.45 -1.80 -29.08
C LYS B 70 2.42 -0.93 -29.88
N ASP B 71 1.93 0.22 -30.36
CA ASP B 71 2.72 1.15 -31.19
C ASP B 71 3.87 1.79 -30.42
N ILE B 72 3.77 1.82 -29.10
CA ILE B 72 4.84 2.37 -28.29
C ILE B 72 5.63 1.20 -27.73
N GLU B 73 6.82 0.97 -28.30
CA GLU B 73 7.56 -0.22 -27.94
C GLU B 73 8.74 0.09 -27.02
N ILE B 74 8.83 -0.68 -25.94
CA ILE B 74 9.96 -0.59 -25.02
C ILE B 74 11.00 -1.63 -25.42
N VAL B 75 12.19 -1.18 -25.80
CA VAL B 75 13.26 -2.09 -26.19
C VAL B 75 14.40 -2.00 -25.20
N ARG B 76 15.32 -2.95 -25.21
CA ARG B 76 16.36 -2.90 -24.21
C ARG B 76 17.72 -2.50 -24.78
N VAL B 77 18.52 -1.79 -23.98
CA VAL B 77 19.87 -1.42 -24.38
C VAL B 77 20.91 -2.42 -23.85
N ASN B 78 21.49 -2.09 -22.71
CA ASN B 78 22.44 -2.96 -22.02
C ASN B 78 21.77 -4.21 -21.46
N LYS B 79 21.17 -5.00 -22.35
CA LYS B 79 20.37 -6.16 -21.98
C LYS B 79 19.05 -5.81 -21.28
N ASN B 80 19.11 -5.07 -20.17
CA ASN B 80 17.92 -4.84 -19.35
C ASN B 80 17.39 -3.42 -19.23
N ALA B 81 18.18 -2.43 -19.66
CA ALA B 81 17.77 -1.03 -19.59
C ALA B 81 16.75 -0.69 -20.68
N PRO B 82 15.67 0.01 -20.32
CA PRO B 82 14.61 0.30 -21.30
C PRO B 82 14.91 1.50 -22.23
N ALA B 83 14.72 1.29 -23.54
CA ALA B 83 14.75 2.33 -24.57
C ALA B 83 13.39 2.35 -25.28
N VAL B 84 13.10 3.43 -26.00
CA VAL B 84 11.79 3.60 -26.63
C VAL B 84 11.89 3.54 -28.15
N GLU B 85 10.96 2.83 -28.76
CA GLU B 85 10.82 2.81 -30.22
C GLU B 85 9.36 3.03 -30.57
N LEU B 86 9.09 4.10 -31.31
CA LEU B 86 7.72 4.42 -31.71
C LEU B 86 7.42 3.83 -33.08
N HIS B 87 6.22 3.29 -33.25
CA HIS B 87 5.79 2.77 -34.54
C HIS B 87 4.42 3.31 -34.87
N GLY B 88 3.97 3.06 -36.09
CA GLY B 88 2.61 3.37 -36.50
C GLY B 88 2.15 4.76 -36.16
N ASN B 89 0.98 4.85 -35.51
CA ASN B 89 0.39 6.13 -35.16
C ASN B 89 1.19 6.92 -34.13
N ALA B 90 1.82 6.21 -33.21
CA ALA B 90 2.64 6.86 -32.20
C ALA B 90 3.80 7.60 -32.87
N LYS B 91 4.41 6.95 -33.86
CA LYS B 91 5.53 7.55 -34.58
C LYS B 91 5.07 8.80 -35.33
N LYS B 92 3.97 8.67 -36.08
CA LYS B 92 3.40 9.80 -36.80
C LYS B 92 3.08 10.96 -35.87
N ALA B 93 2.32 10.69 -34.82
CA ALA B 93 1.93 11.72 -33.86
C ALA B 93 3.15 12.40 -33.23
N ALA B 94 4.16 11.61 -32.90
CA ALA B 94 5.38 12.16 -32.30
C ALA B 94 6.10 13.07 -33.30
N GLU B 95 6.29 12.58 -34.51
CA GLU B 95 6.94 13.37 -35.54
C GLU B 95 6.17 14.65 -35.82
N GLU B 96 4.85 14.53 -35.86
CA GLU B 96 3.97 15.68 -36.04
C GLU B 96 4.13 16.69 -34.90
N ALA B 97 4.54 16.22 -33.73
CA ALA B 97 4.74 17.08 -32.58
C ALA B 97 6.19 17.57 -32.49
N GLY B 98 7.04 17.08 -33.39
CA GLY B 98 8.43 17.49 -33.41
C GLY B 98 9.31 16.75 -32.41
N VAL B 99 8.78 15.68 -31.82
CA VAL B 99 9.56 14.87 -30.90
C VAL B 99 10.68 14.14 -31.63
N THR B 100 11.91 14.33 -31.17
CA THR B 100 13.07 13.75 -31.84
C THR B 100 13.66 12.57 -31.04
N ASP B 101 13.29 12.48 -29.77
CA ASP B 101 13.80 11.42 -28.93
C ASP B 101 12.95 11.25 -27.67
N VAL B 102 12.90 10.03 -27.15
CA VAL B 102 12.24 9.77 -25.88
C VAL B 102 13.07 8.83 -25.01
N LYS B 103 13.28 9.21 -23.77
CA LYS B 103 13.97 8.37 -22.79
C LYS B 103 12.95 7.92 -21.76
N VAL B 104 13.13 6.71 -21.24
CA VAL B 104 12.19 6.19 -20.23
C VAL B 104 12.95 5.44 -19.15
N SER B 105 12.37 5.38 -17.95
CA SER B 105 12.90 4.58 -16.87
C SER B 105 11.76 3.86 -16.14
N ILE B 106 12.04 2.68 -15.62
CA ILE B 106 11.03 1.86 -14.96
C ILE B 106 11.48 1.41 -13.58
N SER B 107 10.53 1.27 -12.66
CA SER B 107 10.82 0.76 -11.33
C SER B 107 9.55 0.09 -10.79
N HIS B 108 9.70 -0.85 -9.87
CA HIS B 108 8.52 -1.41 -9.19
C HIS B 108 8.77 -1.75 -7.73
N ASP B 109 7.68 -1.78 -6.98
CA ASP B 109 7.66 -2.37 -5.64
C ASP B 109 6.27 -2.94 -5.39
N ASP B 110 6.07 -3.53 -4.22
CA ASP B 110 4.83 -4.27 -3.93
C ASP B 110 3.57 -3.47 -4.22
N LEU B 111 3.62 -2.16 -4.00
CA LEU B 111 2.46 -1.30 -4.21
C LEU B 111 2.14 -1.10 -5.68
N GLN B 112 3.16 -0.85 -6.50
CA GLN B 112 2.90 -0.62 -7.92
C GLN B 112 4.15 -0.51 -8.77
N ALA B 113 3.96 -0.54 -10.09
CA ALA B 113 5.03 -0.23 -11.02
C ALA B 113 4.90 1.23 -11.42
N VAL B 114 6.00 1.86 -11.79
CA VAL B 114 5.96 3.25 -12.19
C VAL B 114 7.01 3.48 -13.27
N ALA B 115 6.71 4.38 -14.20
CA ALA B 115 7.66 4.70 -15.25
C ALA B 115 7.64 6.19 -15.49
N VAL B 116 8.78 6.74 -15.89
CA VAL B 116 8.88 8.16 -16.21
C VAL B 116 9.57 8.32 -17.56
N ALA B 117 8.97 9.12 -18.43
CA ALA B 117 9.55 9.39 -19.74
C ALA B 117 9.81 10.88 -19.92
N VAL B 118 10.85 11.20 -20.69
CA VAL B 118 11.10 12.58 -21.08
C VAL B 118 11.40 12.61 -22.57
N SER B 119 10.77 13.56 -23.25
CA SER B 119 10.91 13.65 -24.71
C SER B 119 11.62 14.94 -25.08
N THR B 120 12.30 14.92 -26.22
CA THR B 120 13.08 16.05 -26.71
C THR B 120 12.57 16.45 -28.08
N LYS B 121 12.56 17.76 -28.36
CA LYS B 121 12.01 18.28 -29.60
C LYS B 121 13.08 18.96 -30.43
N GLY C 2 18.73 23.27 -15.55
CA GLY C 2 17.64 22.33 -15.45
C GLY C 2 17.21 22.08 -14.02
N GLY C 3 16.14 21.31 -13.85
CA GLY C 3 15.62 20.97 -12.53
C GLY C 3 14.57 19.88 -12.67
N VAL C 4 14.45 19.03 -11.65
CA VAL C 4 13.44 17.97 -11.69
C VAL C 4 12.70 17.88 -10.36
N GLY C 5 11.44 17.48 -10.43
CA GLY C 5 10.64 17.31 -9.23
C GLY C 5 9.73 16.11 -9.32
N VAL C 6 9.56 15.42 -8.21
CA VAL C 6 8.61 14.32 -8.11
C VAL C 6 7.88 14.41 -6.79
N ASP C 7 6.61 14.05 -6.79
CA ASP C 7 5.88 13.97 -5.53
C ASP C 7 4.86 12.86 -5.61
N VAL C 8 4.73 12.12 -4.52
CA VAL C 8 3.74 11.06 -4.44
C VAL C 8 2.83 11.35 -3.26
N GLU C 9 1.52 11.16 -3.43
CA GLU C 9 0.56 11.44 -2.36
C GLU C 9 -0.45 10.31 -2.23
N LEU C 10 -0.83 9.98 -1.00
CA LEU C 10 -1.98 9.11 -0.77
C LEU C 10 -3.23 9.84 -1.22
N ILE C 11 -4.13 9.13 -1.90
CA ILE C 11 -5.38 9.74 -2.31
C ILE C 11 -6.12 10.29 -1.11
N THR C 12 -6.09 9.56 0.00
CA THR C 12 -6.81 9.95 1.23
C THR C 12 -6.17 11.14 1.95
N SER C 13 -5.05 11.63 1.42
CA SER C 13 -4.38 12.76 2.05
C SER C 13 -5.19 14.02 1.81
N ILE C 14 -6.02 13.99 0.78
CA ILE C 14 -6.88 15.14 0.50
C ILE C 14 -8.27 14.95 1.09
N ASN C 15 -8.64 15.85 1.98
CA ASN C 15 -9.99 15.88 2.54
C ASN C 15 -10.80 16.92 1.77
N VAL C 16 -11.66 16.45 0.88
CA VAL C 16 -12.46 17.32 0.03
C VAL C 16 -13.38 18.20 0.87
N GLU C 17 -13.72 17.74 2.07
CA GLU C 17 -14.63 18.45 2.97
C GLU C 17 -13.99 19.69 3.56
N ASN C 18 -12.66 19.69 3.58
CA ASN C 18 -11.90 20.76 4.20
C ASN C 18 -11.80 21.96 3.28
N ASP C 19 -12.88 22.75 3.24
CA ASP C 19 -13.00 23.91 2.36
C ASP C 19 -11.85 24.90 2.51
N THR C 20 -11.36 25.03 3.75
CA THR C 20 -10.28 25.96 4.04
C THR C 20 -9.00 25.55 3.33
N PHE C 21 -8.65 24.29 3.45
CA PHE C 21 -7.47 23.76 2.77
C PHE C 21 -7.61 23.87 1.25
N ILE C 22 -8.78 23.47 0.73
CA ILE C 22 -9.02 23.52 -0.71
C ILE C 22 -8.93 24.94 -1.24
N GLU C 23 -9.64 25.87 -0.60
CA GLU C 23 -9.68 27.26 -1.03
C GLU C 23 -8.31 27.94 -0.95
N ARG C 24 -7.52 27.53 0.01
CA ARG C 24 -6.22 28.13 0.24
C ARG C 24 -5.19 27.70 -0.80
N ASN C 25 -5.37 26.51 -1.36
CA ASN C 25 -4.34 25.87 -2.16
C ASN C 25 -4.65 25.68 -3.64
N PHE C 26 -5.93 25.79 -4.00
CA PHE C 26 -6.36 25.57 -5.38
C PHE C 26 -7.09 26.80 -5.92
N THR C 27 -6.81 27.17 -7.16
CA THR C 27 -7.52 28.26 -7.80
C THR C 27 -8.95 27.84 -8.10
N PRO C 28 -9.84 28.82 -8.28
CA PRO C 28 -11.23 28.50 -8.62
C PRO C 28 -11.32 27.56 -9.81
N GLN C 29 -10.39 27.72 -10.76
CA GLN C 29 -10.37 26.93 -11.99
C GLN C 29 -10.01 25.48 -11.68
N GLU C 30 -9.04 25.30 -10.79
CA GLU C 30 -8.62 23.96 -10.40
C GLU C 30 -9.73 23.25 -9.65
N ILE C 31 -10.37 23.97 -8.73
CA ILE C 31 -11.44 23.41 -7.94
C ILE C 31 -12.58 22.97 -8.83
N GLU C 32 -12.88 23.77 -9.85
CA GLU C 32 -13.96 23.45 -10.75
C GLU C 32 -13.62 22.19 -11.55
N TYR C 33 -12.39 22.12 -12.04
CA TYR C 33 -11.98 20.94 -12.78
C TYR C 33 -12.06 19.68 -11.93
N CYS C 34 -11.36 19.68 -10.80
CA CYS C 34 -11.33 18.51 -9.94
C CYS C 34 -12.73 18.09 -9.48
N SER C 35 -13.57 19.07 -9.17
CA SER C 35 -14.92 18.77 -8.69
C SER C 35 -15.78 18.09 -9.75
N ALA C 36 -15.36 18.19 -11.00
CA ALA C 36 -16.14 17.64 -12.11
C ALA C 36 -15.65 16.29 -12.61
N GLN C 37 -14.56 15.77 -12.02
CA GLN C 37 -14.00 14.50 -12.45
C GLN C 37 -14.74 13.31 -11.82
N PRO C 38 -14.62 12.13 -12.43
CA PRO C 38 -15.26 10.90 -11.91
C PRO C 38 -14.87 10.61 -10.47
N SER C 39 -13.58 10.71 -10.13
CA SER C 39 -13.16 10.61 -8.75
C SER C 39 -12.59 11.94 -8.28
N VAL C 40 -13.38 12.68 -7.52
CA VAL C 40 -13.02 14.04 -7.12
C VAL C 40 -11.80 14.06 -6.19
N GLN C 41 -11.77 13.16 -5.22
CA GLN C 41 -10.70 13.13 -4.26
C GLN C 41 -9.37 12.82 -4.94
N SER C 42 -9.41 11.88 -5.87
CA SER C 42 -8.24 11.45 -6.60
C SER C 42 -7.73 12.58 -7.49
N SER C 43 -8.64 13.33 -8.07
CA SER C 43 -8.27 14.45 -8.94
C SER C 43 -7.56 15.56 -8.17
N PHE C 44 -8.10 15.92 -7.01
CA PHE C 44 -7.44 16.90 -6.14
C PHE C 44 -6.06 16.39 -5.71
N ALA C 45 -5.98 15.11 -5.36
CA ALA C 45 -4.71 14.53 -4.93
C ALA C 45 -3.66 14.61 -6.05
N GLY C 46 -4.08 14.36 -7.28
CA GLY C 46 -3.18 14.46 -8.42
C GLY C 46 -2.73 15.89 -8.67
N THR C 47 -3.67 16.82 -8.55
CA THR C 47 -3.35 18.24 -8.72
C THR C 47 -2.40 18.72 -7.63
N TRP C 48 -2.64 18.26 -6.41
CA TRP C 48 -1.75 18.60 -5.30
C TRP C 48 -0.32 18.09 -5.54
N SER C 49 -0.22 16.86 -6.03
CA SER C 49 1.07 16.26 -6.33
C SER C 49 1.78 17.05 -7.42
N ALA C 50 1.02 17.52 -8.41
CA ALA C 50 1.58 18.29 -9.50
C ALA C 50 2.14 19.62 -8.99
N LYS C 51 1.40 20.27 -8.10
CA LYS C 51 1.89 21.51 -7.49
C LYS C 51 3.21 21.27 -6.80
N GLU C 52 3.29 20.18 -6.01
CA GLU C 52 4.50 19.87 -5.27
C GLU C 52 5.66 19.53 -6.19
N ALA C 53 5.38 18.73 -7.22
CA ALA C 53 6.40 18.34 -8.17
C ALA C 53 6.94 19.59 -8.85
N VAL C 54 6.04 20.45 -9.32
CA VAL C 54 6.46 21.68 -9.97
C VAL C 54 7.35 22.52 -9.05
N PHE C 55 6.95 22.68 -7.79
CA PHE C 55 7.75 23.45 -6.84
C PHE C 55 9.16 22.89 -6.71
N LYS C 56 9.28 21.58 -6.61
CA LYS C 56 10.58 20.95 -6.43
C LYS C 56 11.49 21.16 -7.62
N SER C 57 10.91 21.32 -8.81
CA SER C 57 11.66 21.47 -10.05
C SER C 57 12.22 22.89 -10.21
N LEU C 58 11.71 23.83 -9.44
CA LEU C 58 12.07 25.24 -9.59
C LEU C 58 13.47 25.52 -9.05
N GLY C 59 13.89 24.72 -8.09
CA GLY C 59 15.19 24.91 -7.48
C GLY C 59 15.22 26.18 -6.65
N VAL C 60 14.22 26.33 -5.78
CA VAL C 60 14.14 27.50 -4.91
C VAL C 60 13.97 27.06 -3.47
N LYS C 61 14.06 28.02 -2.55
CA LYS C 61 13.88 27.72 -1.14
C LYS C 61 12.40 27.63 -0.75
N SER C 62 12.08 26.68 0.10
CA SER C 62 10.73 26.50 0.61
C SER C 62 10.36 27.60 1.60
N LEU C 63 9.14 28.11 1.51
CA LEU C 63 8.65 29.11 2.46
C LEU C 63 8.18 28.46 3.75
N GLY C 64 8.22 27.12 3.80
CA GLY C 64 7.76 26.39 4.97
C GLY C 64 6.70 25.35 4.66
N GLY C 65 6.66 24.30 5.46
CA GLY C 65 5.75 23.19 5.23
C GLY C 65 4.29 23.58 5.05
N GLY C 66 3.91 24.71 5.64
CA GLY C 66 2.53 25.12 5.59
C GLY C 66 2.16 26.18 4.56
N ALA C 67 3.11 26.62 3.75
CA ALA C 67 2.83 27.69 2.79
C ALA C 67 1.91 27.22 1.67
N ALA C 68 0.93 28.06 1.31
CA ALA C 68 -0.06 27.70 0.30
C ALA C 68 0.56 27.56 -1.08
N LEU C 69 -0.07 26.75 -1.93
CA LEU C 69 0.44 26.47 -3.28
C LEU C 69 -0.52 26.94 -4.36
N LYS C 70 -1.38 27.90 -4.05
CA LYS C 70 -2.35 28.39 -5.02
C LYS C 70 -1.64 29.05 -6.21
N ASP C 71 -0.45 29.59 -5.96
CA ASP C 71 0.35 30.28 -6.98
C ASP C 71 0.85 29.37 -8.10
N ILE C 72 0.89 28.08 -7.83
CA ILE C 72 1.30 27.12 -8.85
C ILE C 72 0.04 26.45 -9.41
N GLU C 73 -0.37 26.89 -10.59
CA GLU C 73 -1.65 26.44 -11.11
C GLU C 73 -1.50 25.38 -12.20
N ILE C 74 -2.24 24.29 -12.04
CA ILE C 74 -2.31 23.22 -13.04
C ILE C 74 -3.50 23.49 -13.96
N VAL C 75 -3.23 23.71 -15.24
CA VAL C 75 -4.29 23.96 -16.21
C VAL C 75 -4.44 22.77 -17.14
N ARG C 76 -5.68 22.33 -17.35
CA ARG C 76 -5.97 21.38 -18.39
C ARG C 76 -7.31 21.79 -18.97
N VAL C 77 -7.42 21.76 -20.30
CA VAL C 77 -8.59 22.33 -20.97
C VAL C 77 -8.50 22.13 -22.47
N ASN C 78 -8.38 23.27 -23.14
CA ASN C 78 -7.85 23.36 -24.48
C ASN C 78 -6.40 22.89 -24.42
N LYS C 79 -6.15 21.90 -23.57
CA LYS C 79 -4.83 21.31 -23.42
C LYS C 79 -4.91 19.78 -23.47
N ASN C 80 -3.94 19.17 -24.13
CA ASN C 80 -3.81 17.71 -24.12
C ASN C 80 -3.13 17.24 -22.83
N ALA C 81 -1.85 17.54 -22.69
CA ALA C 81 -1.16 17.29 -21.43
C ALA C 81 -1.47 18.43 -20.45
N PRO C 82 -1.46 18.13 -19.14
CA PRO C 82 -1.65 19.21 -18.17
C PRO C 82 -0.55 20.23 -18.36
N ALA C 83 -0.82 21.50 -18.11
CA ALA C 83 0.20 22.52 -18.26
C ALA C 83 0.35 23.31 -16.98
N VAL C 84 1.48 23.99 -16.85
CA VAL C 84 1.78 24.75 -15.66
C VAL C 84 1.70 26.25 -15.93
N GLU C 85 1.07 26.98 -15.01
CA GLU C 85 1.06 28.43 -15.03
C GLU C 85 1.43 28.95 -13.64
N LEU C 86 2.53 29.68 -13.55
CA LEU C 86 2.97 30.24 -12.29
C LEU C 86 2.40 31.65 -12.11
N HIS C 87 2.00 31.97 -10.88
CA HIS C 87 1.50 33.30 -10.55
C HIS C 87 2.17 33.80 -9.29
N GLY C 88 1.94 35.07 -8.96
CA GLY C 88 2.40 35.64 -7.71
C GLY C 88 3.83 35.34 -7.33
N ASN C 89 4.03 34.85 -6.11
CA ASN C 89 5.37 34.54 -5.59
C ASN C 89 6.07 33.42 -6.34
N ALA C 90 5.31 32.43 -6.78
CA ALA C 90 5.88 31.33 -7.54
C ALA C 90 6.52 31.85 -8.82
N LYS C 91 5.81 32.75 -9.50
CA LYS C 91 6.30 33.33 -10.74
C LYS C 91 7.57 34.14 -10.50
N LYS C 92 7.54 35.01 -9.49
CA LYS C 92 8.73 35.79 -9.13
C LYS C 92 9.91 34.90 -8.79
N ALA C 93 9.70 33.95 -7.88
CA ALA C 93 10.77 33.03 -7.47
C ALA C 93 11.35 32.25 -8.66
N ALA C 94 10.47 31.79 -9.55
CA ALA C 94 10.90 31.05 -10.74
C ALA C 94 11.74 31.93 -11.65
N GLU C 95 11.24 33.13 -11.98
CA GLU C 95 11.97 34.07 -12.81
C GLU C 95 13.31 34.42 -12.19
N GLU C 96 13.31 34.61 -10.88
CA GLU C 96 14.54 34.91 -10.14
C GLU C 96 15.53 33.75 -10.25
N ALA C 97 15.03 32.55 -10.48
CA ALA C 97 15.88 31.37 -10.61
C ALA C 97 16.21 31.09 -12.06
N GLY C 98 15.66 31.90 -12.97
CA GLY C 98 15.94 31.73 -14.38
C GLY C 98 15.13 30.65 -15.07
N VAL C 99 14.10 30.15 -14.39
CA VAL C 99 13.23 29.15 -14.99
C VAL C 99 12.42 29.78 -16.12
N THR C 100 12.47 29.17 -17.31
CA THR C 100 11.79 29.72 -18.47
C THR C 100 10.59 28.88 -18.86
N ASP C 101 10.52 27.65 -18.35
CA ASP C 101 9.41 26.76 -18.65
C ASP C 101 9.33 25.60 -17.67
N VAL C 102 8.12 25.11 -17.44
CA VAL C 102 7.91 23.92 -16.61
C VAL C 102 6.89 22.99 -17.25
N LYS C 103 7.25 21.71 -17.35
CA LYS C 103 6.35 20.68 -17.84
C LYS C 103 5.99 19.77 -16.67
N VAL C 104 4.77 19.26 -16.66
CA VAL C 104 4.33 18.37 -15.59
C VAL C 104 3.53 17.20 -16.14
N SER C 105 3.55 16.07 -15.45
CA SER C 105 2.71 14.92 -15.78
C SER C 105 2.10 14.35 -14.51
N ILE C 106 0.89 13.81 -14.62
CA ILE C 106 0.16 13.28 -13.47
C ILE C 106 -0.31 11.86 -13.72
N SER C 107 -0.30 11.04 -12.68
CA SER C 107 -0.86 9.70 -12.75
C SER C 107 -1.49 9.31 -11.43
N HIS C 108 -2.55 8.52 -11.50
CA HIS C 108 -3.23 8.00 -10.31
C HIS C 108 -3.40 6.52 -10.47
N ASP C 109 -3.34 5.80 -9.36
CA ASP C 109 -4.04 4.53 -9.28
C ASP C 109 -5.00 4.69 -8.10
N ASP C 110 -5.60 3.62 -7.62
CA ASP C 110 -6.63 3.78 -6.60
C ASP C 110 -6.07 4.16 -5.23
N LEU C 111 -4.81 3.84 -4.98
CA LEU C 111 -4.20 4.06 -3.69
C LEU C 111 -3.46 5.42 -3.61
N GLN C 112 -2.74 5.75 -4.67
CA GLN C 112 -1.86 6.93 -4.66
C GLN C 112 -1.89 7.75 -5.94
N ALA C 113 -1.42 9.00 -5.85
CA ALA C 113 -1.21 9.83 -7.03
C ALA C 113 0.26 10.22 -7.09
N VAL C 114 0.77 10.45 -8.29
CA VAL C 114 2.16 10.85 -8.45
C VAL C 114 2.27 11.86 -9.59
N ALA C 115 3.19 12.81 -9.45
CA ALA C 115 3.43 13.77 -10.51
C ALA C 115 4.92 13.96 -10.68
N VAL C 116 5.34 14.29 -11.90
CA VAL C 116 6.74 14.59 -12.16
C VAL C 116 6.84 15.87 -12.98
N ALA C 117 7.72 16.78 -12.56
CA ALA C 117 7.91 18.03 -13.25
C ALA C 117 9.36 18.20 -13.67
N VAL C 118 9.58 18.84 -14.81
CA VAL C 118 10.92 19.20 -15.25
C VAL C 118 10.91 20.66 -15.67
N SER C 119 11.91 21.38 -15.21
CA SER C 119 12.00 22.82 -15.49
C SER C 119 13.22 23.10 -16.36
N THR C 120 13.14 24.18 -17.13
CA THR C 120 14.18 24.58 -18.04
C THR C 120 14.66 25.97 -17.66
N LYS C 121 15.95 26.23 -17.81
CA LYS C 121 16.53 27.52 -17.44
C LYS C 121 17.11 28.23 -18.64
N GLY D 2 -10.81 -23.22 22.78
CA GLY D 2 -10.95 -22.32 21.64
C GLY D 2 -9.62 -22.02 20.98
N GLY D 3 -9.66 -21.32 19.87
CA GLY D 3 -8.46 -20.94 19.13
C GLY D 3 -8.82 -19.93 18.06
N VAL D 4 -7.88 -19.07 17.68
CA VAL D 4 -8.15 -18.09 16.65
C VAL D 4 -6.96 -17.96 15.71
N GLY D 5 -7.23 -17.62 14.45
CA GLY D 5 -6.18 -17.51 13.46
C GLY D 5 -6.47 -16.36 12.54
N VAL D 6 -5.42 -15.64 12.14
CA VAL D 6 -5.54 -14.61 11.12
C VAL D 6 -4.34 -14.68 10.19
N ASP D 7 -4.57 -14.39 8.91
CA ASP D 7 -3.46 -14.31 7.98
C ASP D 7 -3.76 -13.28 6.92
N VAL D 8 -2.74 -12.52 6.54
CA VAL D 8 -2.90 -11.51 5.52
C VAL D 8 -1.84 -11.81 4.46
N GLU D 9 -2.21 -11.70 3.19
CA GLU D 9 -1.30 -12.00 2.10
C GLU D 9 -1.41 -10.93 1.03
N LEU D 10 -0.27 -10.55 0.45
CA LEU D 10 -0.25 -9.76 -0.78
C LEU D 10 -0.86 -10.58 -1.90
N ILE D 11 -1.72 -9.97 -2.71
CA ILE D 11 -2.30 -10.67 -3.85
C ILE D 11 -1.20 -11.22 -4.76
N THR D 12 -0.13 -10.45 -4.96
CA THR D 12 0.98 -10.83 -5.83
C THR D 12 1.86 -11.92 -5.26
N SER D 13 1.55 -12.36 -4.04
CA SER D 13 2.32 -13.42 -3.42
C SER D 13 2.04 -14.74 -4.13
N ILE D 14 0.89 -14.80 -4.80
CA ILE D 14 0.52 -16.01 -5.53
C ILE D 14 0.88 -15.86 -7.00
N ASN D 15 1.75 -16.75 -7.47
CA ASN D 15 2.07 -16.83 -8.87
C ASN D 15 1.23 -17.96 -9.49
N VAL D 16 0.19 -17.59 -10.22
CA VAL D 16 -0.73 -18.55 -10.81
C VAL D 16 -0.01 -19.47 -11.80
N GLU D 17 1.12 -19.00 -12.30
CA GLU D 17 1.91 -19.74 -13.28
C GLU D 17 2.72 -20.84 -12.61
N ASN D 18 3.01 -20.63 -11.33
CA ASN D 18 3.86 -21.57 -10.62
C ASN D 18 3.09 -22.84 -10.29
N ASP D 19 2.93 -23.70 -11.29
CA ASP D 19 2.15 -24.92 -11.17
C ASP D 19 2.58 -25.81 -10.01
N THR D 20 3.89 -25.81 -9.74
CA THR D 20 4.44 -26.62 -8.68
C THR D 20 3.92 -26.17 -7.32
N PHE D 21 4.00 -24.87 -7.07
CA PHE D 21 3.48 -24.30 -5.83
C PHE D 21 1.97 -24.55 -5.69
N ILE D 22 1.22 -24.28 -6.76
CA ILE D 22 -0.22 -24.45 -6.75
C ILE D 22 -0.63 -25.90 -6.48
N GLU D 23 -0.10 -26.82 -7.28
CA GLU D 23 -0.40 -28.25 -7.13
C GLU D 23 -0.05 -28.80 -5.76
N ARG D 24 0.97 -28.23 -5.15
CA ARG D 24 1.46 -28.70 -3.86
C ARG D 24 0.52 -28.32 -2.70
N ASN D 25 -0.16 -27.18 -2.85
CA ASN D 25 -0.88 -26.59 -1.74
C ASN D 25 -2.40 -26.51 -1.87
N PHE D 26 -2.92 -26.75 -3.07
CA PHE D 26 -4.36 -26.67 -3.32
C PHE D 26 -4.88 -27.97 -3.92
N THR D 27 -6.03 -28.42 -3.45
CA THR D 27 -6.65 -29.62 -4.01
C THR D 27 -7.21 -29.29 -5.38
N PRO D 28 -7.44 -30.33 -6.19
CA PRO D 28 -7.99 -30.09 -7.53
C PRO D 28 -9.28 -29.25 -7.52
N GLN D 29 -10.17 -29.45 -6.56
CA GLN D 29 -11.37 -28.62 -6.51
C GLN D 29 -11.10 -27.18 -6.05
N GLU D 30 -10.16 -26.96 -5.14
CA GLU D 30 -9.78 -25.57 -4.80
C GLU D 30 -9.24 -24.86 -6.03
N ILE D 31 -8.42 -25.57 -6.79
CA ILE D 31 -7.83 -25.01 -8.00
C ILE D 31 -8.92 -24.71 -9.00
N GLU D 32 -9.91 -25.59 -9.10
CA GLU D 32 -11.00 -25.39 -10.04
C GLU D 32 -11.82 -24.17 -9.65
N TYR D 33 -12.12 -24.04 -8.35
CA TYR D 33 -12.86 -22.88 -7.88
C TYR D 33 -12.12 -21.57 -8.16
N CYS D 34 -10.88 -21.48 -7.69
CA CYS D 34 -10.11 -20.26 -7.84
C CYS D 34 -9.91 -19.89 -9.32
N SER D 35 -9.65 -20.90 -10.15
CA SER D 35 -9.44 -20.66 -11.57
C SER D 35 -10.68 -20.11 -12.26
N ALA D 36 -11.84 -20.22 -11.62
CA ALA D 36 -13.10 -19.83 -12.24
C ALA D 36 -13.62 -18.50 -11.75
N GLN D 37 -12.90 -17.87 -10.82
CA GLN D 37 -13.32 -16.59 -10.28
C GLN D 37 -12.89 -15.42 -11.18
N PRO D 38 -13.55 -14.26 -11.02
CA PRO D 38 -13.24 -13.07 -11.80
C PRO D 38 -11.77 -12.67 -11.68
N SER D 39 -11.23 -12.67 -10.46
CA SER D 39 -9.80 -12.46 -10.27
C SER D 39 -9.17 -13.72 -9.70
N VAL D 40 -8.50 -14.47 -10.57
CA VAL D 40 -7.96 -15.76 -10.19
C VAL D 40 -6.85 -15.66 -9.15
N GLN D 41 -5.92 -14.73 -9.36
CA GLN D 41 -4.80 -14.55 -8.43
C GLN D 41 -5.31 -14.17 -7.05
N SER D 42 -6.29 -13.27 -7.01
CA SER D 42 -6.86 -12.82 -5.75
C SER D 42 -7.56 -13.96 -5.00
N SER D 43 -8.22 -14.82 -5.76
CA SER D 43 -8.96 -15.95 -5.19
C SER D 43 -8.01 -16.98 -4.58
N PHE D 44 -6.93 -17.29 -5.28
CA PHE D 44 -5.89 -18.15 -4.72
C PHE D 44 -5.30 -17.54 -3.45
N ALA D 45 -5.06 -16.23 -3.48
CA ALA D 45 -4.46 -15.56 -2.34
C ALA D 45 -5.37 -15.64 -1.11
N GLY D 46 -6.66 -15.43 -1.33
CA GLY D 46 -7.64 -15.56 -0.25
C GLY D 46 -7.71 -16.96 0.31
N THR D 47 -7.70 -17.96 -0.58
CA THR D 47 -7.73 -19.37 -0.17
C THR D 47 -6.46 -19.74 0.59
N TRP D 48 -5.32 -19.22 0.15
CA TRP D 48 -4.07 -19.43 0.87
C TRP D 48 -4.13 -18.84 2.28
N SER D 49 -4.65 -17.61 2.37
CA SER D 49 -4.82 -16.96 3.67
C SER D 49 -5.73 -17.76 4.59
N ALA D 50 -6.79 -18.32 4.03
CA ALA D 50 -7.72 -19.16 4.79
C ALA D 50 -7.03 -20.40 5.33
N LYS D 51 -6.21 -21.04 4.51
CA LYS D 51 -5.47 -22.20 4.96
C LYS D 51 -4.59 -21.84 6.16
N GLU D 52 -3.86 -20.73 6.07
CA GLU D 52 -2.95 -20.31 7.13
C GLU D 52 -3.71 -19.94 8.39
N ALA D 53 -4.81 -19.21 8.21
CA ALA D 53 -5.65 -18.81 9.33
C ALA D 53 -6.17 -20.05 10.07
N VAL D 54 -6.72 -20.99 9.32
CA VAL D 54 -7.18 -22.24 9.90
C VAL D 54 -6.07 -22.95 10.67
N PHE D 55 -4.89 -23.05 10.07
CA PHE D 55 -3.78 -23.72 10.75
C PHE D 55 -3.47 -23.07 12.10
N LYS D 56 -3.45 -21.74 12.13
CA LYS D 56 -3.10 -21.01 13.35
C LYS D 56 -4.14 -21.21 14.45
N SER D 57 -5.38 -21.50 14.05
CA SER D 57 -6.47 -21.68 15.00
C SER D 57 -6.45 -23.05 15.66
N LEU D 58 -5.71 -23.98 15.08
CA LEU D 58 -5.71 -25.37 15.56
C LEU D 58 -4.94 -25.53 16.85
N GLY D 59 -3.95 -24.65 17.06
CA GLY D 59 -3.14 -24.71 18.25
C GLY D 59 -2.25 -25.92 18.23
N VAL D 60 -1.54 -26.09 17.11
CA VAL D 60 -0.61 -27.20 16.99
C VAL D 60 0.74 -26.67 16.56
N LYS D 61 1.72 -27.57 16.61
CA LYS D 61 3.07 -27.20 16.23
C LYS D 61 3.22 -27.19 14.72
N SER D 62 3.96 -26.21 14.23
CA SER D 62 4.24 -26.09 12.81
C SER D 62 5.23 -27.17 12.35
N LEU D 63 4.99 -27.73 11.17
CA LEU D 63 5.89 -28.71 10.58
C LEU D 63 7.08 -28.04 9.89
N GLY D 64 7.06 -26.70 9.85
CA GLY D 64 8.13 -25.95 9.20
C GLY D 64 7.61 -24.97 8.18
N GLY D 65 8.33 -23.88 7.98
CA GLY D 65 7.90 -22.83 7.07
C GLY D 65 7.53 -23.32 5.68
N GLY D 66 8.11 -24.45 5.26
CA GLY D 66 7.91 -24.93 3.91
C GLY D 66 6.91 -26.06 3.73
N ALA D 67 6.27 -26.49 4.81
CA ALA D 67 5.33 -27.61 4.71
C ALA D 67 4.07 -27.22 3.94
N ALA D 68 3.61 -28.11 3.07
CA ALA D 68 2.45 -27.88 2.23
C ALA D 68 1.17 -27.79 3.05
N LEU D 69 0.17 -27.10 2.52
CA LEU D 69 -1.11 -26.90 3.19
C LEU D 69 -2.28 -27.56 2.48
N LYS D 70 -2.00 -28.54 1.63
CA LYS D 70 -3.05 -29.17 0.85
C LYS D 70 -4.05 -29.87 1.76
N ASP D 71 -3.60 -30.29 2.93
CA ASP D 71 -4.41 -31.02 3.90
C ASP D 71 -5.53 -30.20 4.51
N ILE D 72 -5.43 -28.88 4.41
CA ILE D 72 -6.46 -27.98 4.90
C ILE D 72 -7.24 -27.49 3.70
N GLU D 73 -8.41 -28.04 3.49
CA GLU D 73 -9.15 -27.75 2.27
C GLU D 73 -10.31 -26.79 2.49
N ILE D 74 -10.39 -25.79 1.62
CA ILE D 74 -11.48 -24.83 1.65
C ILE D 74 -12.49 -25.25 0.61
N VAL D 75 -13.71 -25.51 1.05
CA VAL D 75 -14.78 -25.93 0.14
C VAL D 75 -15.83 -24.80 0.09
N ARG D 76 -16.16 -24.28 -1.09
CA ARG D 76 -17.24 -23.26 -1.15
C ARG D 76 -18.59 -23.82 -1.61
N VAL D 77 -19.62 -23.56 -0.81
CA VAL D 77 -21.00 -23.78 -1.20
C VAL D 77 -21.70 -22.42 -1.09
N ASN D 78 -21.76 -21.89 0.12
CA ASN D 78 -21.99 -20.46 0.32
C ASN D 78 -20.64 -19.75 0.41
N LYS D 79 -20.28 -18.96 -0.61
CA LYS D 79 -18.95 -18.37 -0.67
C LYS D 79 -18.66 -17.22 0.32
N ASN D 80 -19.67 -16.79 1.08
CA ASN D 80 -19.42 -15.89 2.21
C ASN D 80 -19.03 -16.70 3.44
N ALA D 81 -19.51 -17.94 3.49
CA ALA D 81 -19.19 -18.84 4.57
C ALA D 81 -18.53 -20.08 3.98
N PRO D 82 -17.30 -19.91 3.46
CA PRO D 82 -16.58 -21.08 2.99
C PRO D 82 -16.50 -22.01 4.16
N ALA D 83 -16.26 -23.26 3.90
CA ALA D 83 -16.20 -24.20 4.99
C ALA D 83 -14.86 -24.89 5.01
N VAL D 84 -14.49 -25.43 6.16
CA VAL D 84 -13.19 -26.04 6.32
C VAL D 84 -13.32 -27.55 6.42
N GLU D 85 -12.46 -28.25 5.70
CA GLU D 85 -12.36 -29.69 5.81
C GLU D 85 -10.91 -30.06 5.99
N LEU D 86 -10.60 -30.74 7.09
CA LEU D 86 -9.23 -31.16 7.35
C LEU D 86 -8.99 -32.60 6.89
N HIS D 87 -7.83 -32.83 6.30
CA HIS D 87 -7.46 -34.17 5.85
C HIS D 87 -6.06 -34.50 6.34
N GLY D 88 -5.66 -35.76 6.17
CA GLY D 88 -4.30 -36.19 6.45
C GLY D 88 -3.75 -35.75 7.78
N ASN D 89 -2.56 -35.15 7.75
CA ASN D 89 -1.90 -34.69 8.97
C ASN D 89 -2.65 -33.60 9.72
N ALA D 90 -3.25 -32.69 8.97
CA ALA D 90 -4.04 -31.62 9.59
C ALA D 90 -5.17 -32.20 10.42
N LYS D 91 -5.82 -33.22 9.89
CA LYS D 91 -6.94 -33.85 10.61
C LYS D 91 -6.43 -34.50 11.89
N LYS D 92 -5.36 -35.29 11.76
CA LYS D 92 -4.76 -35.96 12.91
C LYS D 92 -4.35 -34.95 13.97
N ALA D 93 -3.57 -33.95 13.58
CA ALA D 93 -3.10 -32.93 14.52
C ALA D 93 -4.25 -32.21 15.21
N ALA D 94 -5.29 -31.88 14.45
CA ALA D 94 -6.46 -31.22 15.00
C ALA D 94 -7.18 -32.10 16.02
N GLU D 95 -7.45 -33.35 15.65
CA GLU D 95 -8.09 -34.30 16.55
C GLU D 95 -7.25 -34.49 17.82
N GLU D 96 -5.94 -34.58 17.63
CA GLU D 96 -5.01 -34.73 18.74
C GLU D 96 -5.07 -33.50 19.66
N ALA D 97 -5.48 -32.36 19.12
CA ALA D 97 -5.59 -31.13 19.90
C ALA D 97 -7.01 -30.93 20.43
N GLY D 98 -7.90 -31.86 20.08
CA GLY D 98 -9.27 -31.79 20.56
C GLY D 98 -10.16 -30.83 19.79
N VAL D 99 -9.67 -30.36 18.64
CA VAL D 99 -10.48 -29.48 17.80
C VAL D 99 -11.65 -30.24 17.20
N THR D 100 -12.86 -29.73 17.39
CA THR D 100 -14.06 -30.41 16.95
C THR D 100 -14.69 -29.71 15.75
N ASP D 101 -14.29 -28.46 15.53
CA ASP D 101 -14.85 -27.67 14.43
C ASP D 101 -14.00 -26.44 14.13
N VAL D 102 -13.99 -26.02 12.87
CA VAL D 102 -13.30 -24.80 12.47
C VAL D 102 -14.15 -24.00 11.49
N LYS D 103 -14.31 -22.71 11.78
CA LYS D 103 -15.02 -21.79 10.89
C LYS D 103 -13.98 -20.83 10.31
N VAL D 104 -14.20 -20.38 9.08
CA VAL D 104 -13.30 -19.44 8.44
C VAL D 104 -14.06 -18.39 7.63
N SER D 105 -13.46 -17.21 7.50
CA SER D 105 -14.02 -16.16 6.66
C SER D 105 -12.90 -15.51 5.85
N ILE D 106 -13.23 -15.09 4.64
CA ILE D 106 -12.23 -14.55 3.71
C ILE D 106 -12.68 -13.20 3.16
N SER D 107 -11.73 -12.30 2.93
CA SER D 107 -12.02 -11.03 2.29
C SER D 107 -10.78 -10.55 1.54
N HIS D 108 -10.98 -9.74 0.52
CA HIS D 108 -9.83 -9.16 -0.17
C HIS D 108 -10.17 -7.81 -0.80
N ASP D 109 -9.13 -7.11 -1.25
CA ASP D 109 -9.32 -5.86 -2.00
C ASP D 109 -8.32 -5.79 -3.14
N ASP D 110 -7.83 -4.59 -3.42
CA ASP D 110 -6.85 -4.38 -4.48
C ASP D 110 -5.53 -5.06 -4.20
N LEU D 111 -5.04 -4.83 -2.99
CA LEU D 111 -3.69 -5.19 -2.62
C LEU D 111 -3.60 -6.53 -1.92
N GLN D 112 -4.49 -6.73 -0.94
CA GLN D 112 -4.30 -7.76 0.06
C GLN D 112 -5.54 -8.63 0.30
N ALA D 113 -5.28 -9.86 0.73
CA ALA D 113 -6.34 -10.75 1.16
C ALA D 113 -6.13 -11.03 2.63
N VAL D 114 -7.22 -11.30 3.32
CA VAL D 114 -7.14 -11.61 4.73
C VAL D 114 -8.19 -12.66 5.07
N ALA D 115 -7.87 -13.52 6.03
CA ALA D 115 -8.81 -14.52 6.48
C ALA D 115 -8.71 -14.64 7.98
N VAL D 116 -9.84 -14.97 8.59
CA VAL D 116 -9.89 -15.21 10.03
C VAL D 116 -10.58 -16.55 10.32
N ALA D 117 -9.95 -17.37 11.15
CA ALA D 117 -10.52 -18.65 11.54
C ALA D 117 -10.72 -18.72 13.05
N VAL D 118 -11.77 -19.42 13.47
CA VAL D 118 -11.98 -19.72 14.89
C VAL D 118 -12.26 -21.20 15.04
N SER D 119 -11.60 -21.83 16.00
CA SER D 119 -11.76 -23.25 16.24
C SER D 119 -12.44 -23.54 17.57
N THR D 120 -13.09 -24.69 17.66
CA THR D 120 -13.84 -25.07 18.85
C THR D 120 -13.30 -26.38 19.35
N LYS D 121 -13.24 -26.54 20.68
CA LYS D 121 -12.68 -27.75 21.25
C LYS D 121 -13.74 -28.50 22.04
N GLY E 2 -18.71 -12.82 25.59
CA GLY E 2 -17.69 -12.83 24.56
C GLY E 2 -17.21 -11.43 24.19
N GLY E 3 -16.16 -11.38 23.36
CA GLY E 3 -15.62 -10.13 22.85
C GLY E 3 -14.65 -10.40 21.73
N VAL E 4 -14.53 -9.46 20.79
CA VAL E 4 -13.60 -9.64 19.69
C VAL E 4 -12.79 -8.36 19.44
N GLY E 5 -11.56 -8.54 18.98
CA GLY E 5 -10.70 -7.40 18.69
C GLY E 5 -9.86 -7.64 17.45
N VAL E 6 -9.71 -6.58 16.64
CA VAL E 6 -8.82 -6.63 15.48
C VAL E 6 -8.02 -5.33 15.41
N ASP E 7 -6.78 -5.45 15.00
CA ASP E 7 -5.99 -4.26 14.76
C ASP E 7 -5.04 -4.48 13.60
N VAL E 8 -4.91 -3.46 12.77
CA VAL E 8 -3.98 -3.50 11.66
C VAL E 8 -3.00 -2.32 11.82
N GLU E 9 -1.72 -2.59 11.57
CA GLU E 9 -0.69 -1.55 11.72
C GLU E 9 0.27 -1.59 10.54
N LEU E 10 0.67 -0.41 10.08
CA LEU E 10 1.77 -0.31 9.14
C LEU E 10 3.04 -0.80 9.82
N ILE E 11 3.86 -1.55 9.10
CA ILE E 11 5.14 -1.97 9.67
C ILE E 11 5.97 -0.76 10.10
N THR E 12 5.92 0.31 9.31
CA THR E 12 6.74 1.50 9.56
C THR E 12 6.23 2.33 10.71
N SER E 13 5.12 1.89 11.32
CA SER E 13 4.53 2.61 12.43
C SER E 13 5.39 2.42 13.67
N ILE E 14 6.20 1.37 13.66
CA ILE E 14 7.12 1.14 14.76
C ILE E 14 8.52 1.63 14.43
N ASN E 15 9.00 2.57 15.24
CA ASN E 15 10.37 3.03 15.13
C ASN E 15 11.20 2.31 16.18
N VAL E 16 11.97 1.33 15.73
CA VAL E 16 12.79 0.52 16.64
C VAL E 16 13.80 1.37 17.40
N GLU E 17 14.05 2.58 16.89
CA GLU E 17 15.02 3.52 17.47
C GLU E 17 14.48 4.41 18.60
N ASN E 18 13.16 4.54 18.68
CA ASN E 18 12.52 5.31 19.74
C ASN E 18 12.48 4.50 21.03
N ASP E 19 13.60 4.47 21.73
CA ASP E 19 13.77 3.63 22.92
C ASP E 19 12.72 3.90 23.98
N THR E 20 12.31 5.16 24.09
CA THR E 20 11.32 5.55 25.07
C THR E 20 9.98 4.86 24.80
N PHE E 21 9.54 4.94 23.55
CA PHE E 21 8.30 4.30 23.14
C PHE E 21 8.36 2.79 23.34
N ILE E 22 9.45 2.17 22.89
CA ILE E 22 9.63 0.72 23.02
C ILE E 22 9.63 0.31 24.48
N GLU E 23 10.45 0.99 25.28
CA GLU E 23 10.56 0.73 26.71
C GLU E 23 9.20 0.86 27.41
N ARG E 24 8.42 1.84 26.99
CA ARG E 24 7.16 2.19 27.61
C ARG E 24 6.04 1.17 27.31
N ASN E 25 6.14 0.51 26.16
CA ASN E 25 5.02 -0.26 25.64
C ASN E 25 5.23 -1.76 25.54
N PHE E 26 6.49 -2.20 25.65
CA PHE E 26 6.83 -3.61 25.50
C PHE E 26 7.59 -4.11 26.73
N THR E 27 7.24 -5.30 27.21
CA THR E 27 7.95 -5.90 28.33
C THR E 27 9.33 -6.34 27.87
N PRO E 28 10.26 -6.51 28.82
CA PRO E 28 11.61 -6.95 28.46
C PRO E 28 11.60 -8.23 27.62
N GLN E 29 10.73 -9.17 27.95
CA GLN E 29 10.75 -10.44 27.23
C GLN E 29 10.12 -10.31 25.84
N GLU E 30 9.25 -9.33 25.65
CA GLU E 30 8.74 -9.01 24.32
C GLU E 30 9.84 -8.39 23.47
N ILE E 31 10.59 -7.48 24.07
CA ILE E 31 11.68 -6.81 23.37
C ILE E 31 12.72 -7.82 22.95
N GLU E 32 13.00 -8.78 23.84
CA GLU E 32 14.01 -9.78 23.54
C GLU E 32 13.58 -10.65 22.39
N TYR E 33 12.32 -11.07 22.40
CA TYR E 33 11.79 -11.89 21.33
C TYR E 33 11.85 -11.16 19.99
N CYS E 34 11.23 -9.98 19.93
CA CYS E 34 11.18 -9.23 18.69
C CYS E 34 12.58 -8.89 18.16
N SER E 35 13.48 -8.52 19.05
CA SER E 35 14.85 -8.18 18.65
C SER E 35 15.58 -9.36 18.03
N ALA E 36 15.08 -10.58 18.25
CA ALA E 36 15.77 -11.77 17.78
C ALA E 36 15.17 -12.36 16.51
N GLN E 37 14.10 -11.75 16.01
CA GLN E 37 13.45 -12.24 14.79
C GLN E 37 14.16 -11.77 13.53
N PRO E 38 13.92 -12.47 12.40
CA PRO E 38 14.52 -12.12 11.11
C PRO E 38 14.22 -10.66 10.71
N SER E 39 12.97 -10.24 10.86
CA SER E 39 12.62 -8.85 10.64
C SER E 39 12.15 -8.22 11.95
N VAL E 40 13.04 -7.46 12.58
CA VAL E 40 12.77 -6.93 13.91
C VAL E 40 11.63 -5.93 13.92
N GLN E 41 11.64 -5.02 12.94
CA GLN E 41 10.60 -3.99 12.87
C GLN E 41 9.23 -4.62 12.69
N SER E 42 9.16 -5.61 11.81
CA SER E 42 7.91 -6.32 11.52
C SER E 42 7.39 -7.07 12.74
N SER E 43 8.30 -7.65 13.50
CA SER E 43 7.93 -8.38 14.73
C SER E 43 7.35 -7.47 15.80
N PHE E 44 7.99 -6.32 16.02
CA PHE E 44 7.46 -5.32 16.95
C PHE E 44 6.09 -4.84 16.49
N ALA E 45 5.94 -4.58 15.20
CA ALA E 45 4.65 -4.14 14.66
C ALA E 45 3.56 -5.19 14.92
N GLY E 46 3.89 -6.46 14.73
CA GLY E 46 2.93 -7.52 14.95
C GLY E 46 2.54 -7.62 16.41
N THR E 47 3.52 -7.50 17.29
CA THR E 47 3.28 -7.51 18.72
C THR E 47 2.43 -6.32 19.15
N TRP E 48 2.73 -5.14 18.59
CA TRP E 48 1.91 -3.96 18.86
C TRP E 48 0.46 -4.18 18.45
N SER E 49 0.25 -4.73 17.26
CA SER E 49 -1.09 -5.00 16.77
C SER E 49 -1.82 -5.97 17.70
N ALA E 50 -1.11 -6.97 18.18
CA ALA E 50 -1.68 -7.95 19.11
C ALA E 50 -2.12 -7.28 20.41
N LYS E 51 -1.31 -6.38 20.92
CA LYS E 51 -1.68 -5.65 22.13
C LYS E 51 -2.98 -4.87 21.89
N GLU E 52 -3.07 -4.19 20.75
CA GLU E 52 -4.26 -3.38 20.46
C GLU E 52 -5.47 -4.27 20.25
N ALA E 53 -5.29 -5.37 19.54
CA ALA E 53 -6.37 -6.31 19.29
C ALA E 53 -6.91 -6.85 20.62
N VAL E 54 -6.00 -7.34 21.45
CA VAL E 54 -6.37 -7.79 22.79
C VAL E 54 -7.15 -6.76 23.59
N PHE E 55 -6.69 -5.50 23.58
CA PHE E 55 -7.39 -4.45 24.30
C PHE E 55 -8.82 -4.28 23.81
N LYS E 56 -8.99 -4.27 22.50
CA LYS E 56 -10.31 -4.06 21.92
C LYS E 56 -11.27 -5.19 22.28
N SER E 57 -10.73 -6.37 22.53
CA SER E 57 -11.56 -7.55 22.82
C SER E 57 -12.05 -7.56 24.26
N LEU E 58 -11.42 -6.77 25.12
CA LEU E 58 -11.73 -6.74 26.54
C LEU E 58 -13.06 -6.08 26.84
N GLY E 59 -13.46 -5.13 26.00
CA GLY E 59 -14.72 -4.44 26.19
C GLY E 59 -14.64 -3.50 27.36
N VAL E 60 -13.59 -2.69 27.39
CA VAL E 60 -13.40 -1.70 28.46
C VAL E 60 -13.14 -0.33 27.82
N LYS E 61 -13.13 0.75 28.60
CA LYS E 61 -12.87 2.09 28.05
C LYS E 61 -11.40 2.38 27.87
N SER E 62 -11.07 3.09 26.78
CA SER E 62 -9.69 3.44 26.50
C SER E 62 -9.20 4.55 27.43
N LEU E 63 -7.96 4.46 27.88
CA LEU E 63 -7.37 5.50 28.74
C LEU E 63 -6.84 6.66 27.90
N GLY E 64 -6.89 6.52 26.58
CA GLY E 64 -6.41 7.55 25.68
C GLY E 64 -5.42 7.03 24.66
N GLY E 65 -5.37 7.68 23.50
CA GLY E 65 -4.53 7.20 22.41
C GLY E 65 -3.08 6.98 22.79
N GLY E 66 -2.62 7.69 23.81
CA GLY E 66 -1.22 7.64 24.20
C GLY E 66 -0.86 6.75 25.38
N ALA E 67 -1.84 6.09 25.98
CA ALA E 67 -1.58 5.26 27.15
C ALA E 67 -0.75 4.03 26.81
N ALA E 68 0.22 3.72 27.66
CA ALA E 68 1.12 2.59 27.42
C ALA E 68 0.38 1.25 27.48
N LEU E 69 0.88 0.28 26.71
CA LEU E 69 0.28 -1.06 26.59
C LEU E 69 1.19 -2.15 27.11
N LYS E 70 2.13 -1.80 27.99
CA LYS E 70 3.04 -2.79 28.54
C LYS E 70 2.28 -3.86 29.35
N ASP E 71 1.14 -3.47 29.91
CA ASP E 71 0.30 -4.36 30.74
C ASP E 71 -0.30 -5.53 29.98
N ILE E 72 -0.41 -5.39 28.66
CA ILE E 72 -0.91 -6.46 27.83
C ILE E 72 0.27 -7.15 27.18
N GLU E 73 0.64 -8.32 27.69
CA GLU E 73 1.86 -8.98 27.26
C GLU E 73 1.59 -10.15 26.32
N ILE E 74 2.31 -10.16 25.20
CA ILE E 74 2.24 -11.26 24.26
C ILE E 74 3.37 -12.22 24.55
N VAL E 75 3.03 -13.45 24.93
CA VAL E 75 4.04 -14.45 25.23
C VAL E 75 4.09 -15.52 24.15
N ARG E 76 5.30 -15.92 23.80
CA ARG E 76 5.56 -16.77 22.64
C ARG E 76 6.19 -18.09 23.10
N VAL E 77 5.79 -19.18 22.47
CA VAL E 77 6.41 -20.48 22.73
C VAL E 77 6.82 -21.14 21.41
N ASN E 78 8.08 -20.91 21.02
CA ASN E 78 8.66 -21.42 19.79
C ASN E 78 7.81 -22.46 19.04
N LYS E 79 7.58 -22.20 17.76
CA LYS E 79 6.86 -23.14 16.88
C LYS E 79 5.37 -23.22 17.22
N ASN E 80 4.97 -22.54 18.30
CA ASN E 80 3.59 -22.55 18.77
C ASN E 80 2.89 -21.18 18.71
N ALA E 81 1.61 -21.17 19.04
CA ALA E 81 0.78 -19.97 18.99
C ALA E 81 1.20 -18.92 20.02
N PRO E 82 0.97 -17.63 19.70
CA PRO E 82 1.23 -16.59 20.70
C PRO E 82 0.13 -16.69 21.76
N ALA E 83 0.45 -16.31 23.00
CA ALA E 83 -0.53 -16.33 24.07
C ALA E 83 -0.58 -14.98 24.77
N VAL E 84 -1.66 -14.73 25.49
CA VAL E 84 -1.85 -13.45 26.16
C VAL E 84 -1.73 -13.57 27.67
N GLU E 85 -1.00 -12.63 28.26
CA GLU E 85 -0.90 -12.50 29.71
C GLU E 85 -1.18 -11.05 30.09
N LEU E 86 -2.20 -10.83 30.90
CA LEU E 86 -2.55 -9.48 31.33
C LEU E 86 -1.92 -9.20 32.68
N HIS E 87 -1.42 -7.97 32.84
CA HIS E 87 -0.84 -7.53 34.11
C HIS E 87 -1.44 -6.19 34.51
N GLY E 88 -1.13 -5.76 35.73
CA GLY E 88 -1.49 -4.43 36.18
C GLY E 88 -2.91 -4.00 35.91
N ASN E 89 -3.07 -2.82 35.31
CA ASN E 89 -4.39 -2.28 35.02
C ASN E 89 -5.19 -3.10 34.01
N ALA E 90 -4.49 -3.69 33.05
CA ALA E 90 -5.17 -4.51 32.05
C ALA E 90 -5.84 -5.70 32.73
N LYS E 91 -5.13 -6.33 33.65
CA LYS E 91 -5.66 -7.47 34.39
C LYS E 91 -6.88 -7.06 35.21
N LYS E 92 -6.75 -5.98 35.96
CA LYS E 92 -7.85 -5.48 36.77
C LYS E 92 -9.07 -5.18 35.90
N ALA E 93 -8.86 -4.39 34.84
CA ALA E 93 -9.95 -4.01 33.96
C ALA E 93 -10.62 -5.23 33.33
N ALA E 94 -9.82 -6.21 32.93
CA ALA E 94 -10.34 -7.44 32.36
C ALA E 94 -11.19 -8.20 33.37
N GLU E 95 -10.64 -8.42 34.56
CA GLU E 95 -11.36 -9.12 35.62
C GLU E 95 -12.65 -8.40 35.95
N GLU E 96 -12.57 -7.08 36.01
CA GLU E 96 -13.73 -6.25 36.29
C GLU E 96 -14.80 -6.43 35.20
N ALA E 97 -14.37 -6.81 34.01
CA ALA E 97 -15.28 -7.02 32.89
C ALA E 97 -15.71 -8.49 32.76
N GLY E 98 -15.16 -9.33 33.64
CA GLY E 98 -15.51 -10.74 33.66
C GLY E 98 -14.79 -11.57 32.62
N VAL E 99 -13.77 -11.00 31.99
CA VAL E 99 -12.98 -11.73 31.02
C VAL E 99 -12.20 -12.85 31.71
N THR E 100 -12.36 -14.08 31.23
CA THR E 100 -11.69 -15.21 31.84
C THR E 100 -10.54 -15.75 30.99
N ASP E 101 -10.51 -15.35 29.73
CA ASP E 101 -9.46 -15.81 28.82
C ASP E 101 -9.41 -14.93 27.57
N VAL E 102 -8.22 -14.84 26.98
CA VAL E 102 -8.04 -14.14 25.71
C VAL E 102 -7.10 -14.92 24.80
N LYS E 103 -7.55 -15.14 23.56
CA LYS E 103 -6.72 -15.77 22.55
C LYS E 103 -6.36 -14.73 21.50
N VAL E 104 -5.18 -14.84 20.91
CA VAL E 104 -4.74 -13.89 19.90
C VAL E 104 -4.00 -14.58 18.77
N SER E 105 -4.04 -13.99 17.58
CA SER E 105 -3.28 -14.49 16.45
C SER E 105 -2.65 -13.32 15.70
N ILE E 106 -1.48 -13.55 15.12
CA ILE E 106 -0.73 -12.48 14.45
C ILE E 106 -0.33 -12.88 13.03
N SER E 107 -0.30 -11.91 12.13
CA SER E 107 0.19 -12.15 10.77
C SER E 107 0.85 -10.90 10.21
N HIS E 108 1.88 -11.09 9.37
CA HIS E 108 2.57 -9.97 8.71
C HIS E 108 2.66 -10.21 7.21
N ASP E 109 2.65 -9.13 6.44
CA ASP E 109 3.18 -9.17 5.07
C ASP E 109 4.11 -7.97 4.88
N ASP E 110 4.58 -7.74 3.66
CA ASP E 110 5.54 -6.66 3.41
C ASP E 110 5.06 -5.29 3.86
N LEU E 111 3.75 -5.08 3.81
CA LEU E 111 3.16 -3.75 3.99
C LEU E 111 2.64 -3.49 5.39
N GLN E 112 2.02 -4.50 6.01
CA GLN E 112 1.39 -4.29 7.30
C GLN E 112 1.32 -5.52 8.20
N ALA E 113 0.93 -5.29 9.44
CA ALA E 113 0.71 -6.35 10.40
C ALA E 113 -0.75 -6.34 10.82
N VAL E 114 -1.26 -7.50 11.21
CA VAL E 114 -2.63 -7.59 11.66
C VAL E 114 -2.70 -8.60 12.79
N ALA E 115 -3.60 -8.34 13.74
CA ALA E 115 -3.81 -9.27 14.83
C ALA E 115 -5.30 -9.38 15.12
N VAL E 116 -5.71 -10.55 15.59
CA VAL E 116 -7.09 -10.77 15.97
C VAL E 116 -7.13 -11.42 17.34
N ALA E 117 -7.96 -10.88 18.22
CA ALA E 117 -8.14 -11.42 19.56
C ALA E 117 -9.59 -11.81 19.81
N VAL E 118 -9.79 -12.86 20.60
CA VAL E 118 -11.11 -13.24 21.06
C VAL E 118 -11.08 -13.48 22.57
N SER E 119 -12.07 -12.91 23.25
CA SER E 119 -12.11 -13.00 24.71
C SER E 119 -13.32 -13.83 25.14
N THR E 120 -13.19 -14.46 26.31
CA THR E 120 -14.23 -15.31 26.86
C THR E 120 -14.68 -14.78 28.21
N LYS E 121 -15.97 -14.89 28.51
CA LYS E 121 -16.51 -14.35 29.75
C LYS E 121 -17.07 -15.46 30.62
N GLY F 2 -21.99 -21.08 16.36
CA GLY F 2 -21.05 -19.98 16.17
C GLY F 2 -21.05 -19.46 14.74
N GLY F 3 -20.30 -18.39 14.51
CA GLY F 3 -20.14 -17.81 13.19
C GLY F 3 -19.02 -16.79 13.22
N VAL F 4 -18.37 -16.57 12.09
CA VAL F 4 -17.30 -15.57 12.02
C VAL F 4 -17.40 -14.77 10.73
N GLY F 5 -17.00 -13.50 10.80
CA GLY F 5 -17.04 -12.65 9.63
C GLY F 5 -15.82 -11.75 9.58
N VAL F 6 -15.30 -11.52 8.38
CA VAL F 6 -14.23 -10.55 8.17
C VAL F 6 -14.51 -9.75 6.91
N ASP F 7 -14.17 -8.46 6.94
CA ASP F 7 -14.30 -7.64 5.74
C ASP F 7 -13.19 -6.62 5.72
N VAL F 8 -12.63 -6.42 4.53
CA VAL F 8 -11.59 -5.44 4.34
C VAL F 8 -12.10 -4.47 3.28
N GLU F 9 -11.85 -3.18 3.48
CA GLU F 9 -12.30 -2.15 2.53
C GLU F 9 -11.21 -1.12 2.30
N LEU F 10 -11.08 -0.67 1.06
CA LEU F 10 -10.22 0.45 0.74
C LEU F 10 -10.82 1.69 1.39
N ILE F 11 -9.99 2.55 1.94
CA ILE F 11 -10.49 3.78 2.55
C ILE F 11 -11.22 4.60 1.50
N THR F 12 -10.70 4.61 0.28
CA THR F 12 -11.27 5.40 -0.81
C THR F 12 -12.58 4.83 -1.34
N SER F 13 -13.00 3.69 -0.80
CA SER F 13 -14.25 3.07 -1.26
C SER F 13 -15.43 3.87 -0.76
N ILE F 14 -15.21 4.66 0.28
CA ILE F 14 -16.26 5.52 0.81
C ILE F 14 -16.12 6.94 0.28
N ASN F 15 -17.17 7.38 -0.42
CA ASN F 15 -17.24 8.76 -0.88
C ASN F 15 -18.13 9.55 0.07
N VAL F 16 -17.49 10.35 0.93
CA VAL F 16 -18.21 11.10 1.95
C VAL F 16 -19.21 12.09 1.34
N GLU F 17 -18.95 12.51 0.10
CA GLU F 17 -19.82 13.39 -0.70
C GLU F 17 -21.10 12.74 -1.23
N ASN F 18 -21.02 11.45 -1.54
CA ASN F 18 -22.12 10.70 -2.12
C ASN F 18 -23.24 10.47 -1.11
N ASP F 19 -24.07 11.49 -0.91
CA ASP F 19 -25.13 11.47 0.10
C ASP F 19 -26.08 10.29 -0.08
N THR F 20 -26.33 9.92 -1.32
CA THR F 20 -27.22 8.81 -1.63
C THR F 20 -26.69 7.51 -1.07
N PHE F 21 -25.43 7.23 -1.35
CA PHE F 21 -24.79 6.03 -0.82
C PHE F 21 -24.75 6.03 0.71
N ILE F 22 -24.33 7.14 1.30
CA ILE F 22 -24.26 7.25 2.75
C ILE F 22 -25.63 7.04 3.38
N GLU F 23 -26.62 7.72 2.82
CA GLU F 23 -27.99 7.69 3.35
C GLU F 23 -28.60 6.30 3.25
N ARG F 24 -28.24 5.57 2.20
CA ARG F 24 -28.83 4.27 1.94
C ARG F 24 -28.32 3.20 2.90
N ASN F 25 -27.11 3.38 3.41
CA ASN F 25 -26.42 2.30 4.12
C ASN F 25 -26.11 2.56 5.59
N PHE F 26 -26.22 3.82 6.02
CA PHE F 26 -25.90 4.19 7.40
C PHE F 26 -27.09 4.88 8.05
N THR F 27 -27.37 4.55 9.30
CA THR F 27 -28.42 5.23 10.04
C THR F 27 -27.99 6.64 10.37
N PRO F 28 -28.95 7.52 10.66
CA PRO F 28 -28.61 8.90 11.03
C PRO F 28 -27.59 8.95 12.17
N GLN F 29 -27.65 7.99 13.10
CA GLN F 29 -26.73 7.98 14.25
C GLN F 29 -25.32 7.50 13.93
N GLU F 30 -25.20 6.56 13.00
CA GLU F 30 -23.89 6.14 12.50
C GLU F 30 -23.24 7.29 11.75
N ILE F 31 -24.04 7.99 10.96
CA ILE F 31 -23.56 9.14 10.19
C ILE F 31 -23.06 10.23 11.12
N GLU F 32 -23.77 10.47 12.21
CA GLU F 32 -23.36 11.49 13.17
C GLU F 32 -22.03 11.11 13.82
N TYR F 33 -21.89 9.85 14.21
CA TYR F 33 -20.66 9.40 14.83
C TYR F 33 -19.49 9.55 13.87
N CYS F 34 -19.60 8.95 12.68
CA CYS F 34 -18.51 8.97 11.72
C CYS F 34 -18.14 10.41 11.32
N SER F 35 -19.15 11.25 11.13
CA SER F 35 -18.92 12.64 10.74
C SER F 35 -18.14 13.42 11.80
N ALA F 36 -18.11 12.91 13.02
CA ALA F 36 -17.48 13.63 14.13
C ALA F 36 -16.09 13.10 14.48
N GLN F 37 -15.62 12.08 13.75
CA GLN F 37 -14.30 11.51 14.00
C GLN F 37 -13.20 12.32 13.31
N PRO F 38 -11.95 12.15 13.76
CA PRO F 38 -10.79 12.86 13.20
C PRO F 38 -10.64 12.60 11.71
N SER F 39 -10.75 11.34 11.29
CA SER F 39 -10.79 11.03 9.87
C SER F 39 -12.16 10.46 9.53
N VAL F 40 -12.99 11.30 8.90
CA VAL F 40 -14.37 10.94 8.62
C VAL F 40 -14.46 9.78 7.62
N GLN F 41 -13.69 9.85 6.55
CA GLN F 41 -13.75 8.85 5.49
C GLN F 41 -13.34 7.49 6.04
N SER F 42 -12.30 7.49 6.88
CA SER F 42 -11.78 6.28 7.46
C SER F 42 -12.78 5.67 8.45
N SER F 43 -13.50 6.51 9.18
CA SER F 43 -14.51 6.05 10.12
C SER F 43 -15.68 5.37 9.40
N PHE F 44 -16.16 5.99 8.32
CA PHE F 44 -17.24 5.40 7.52
C PHE F 44 -16.78 4.07 6.93
N ALA F 45 -15.55 4.02 6.45
CA ALA F 45 -15.01 2.79 5.89
C ALA F 45 -14.99 1.69 6.95
N GLY F 46 -14.61 2.06 8.18
CA GLY F 46 -14.57 1.07 9.24
C GLY F 46 -15.95 0.55 9.58
N THR F 47 -16.92 1.46 9.58
CA THR F 47 -18.28 1.10 9.94
C THR F 47 -18.88 0.23 8.83
N TRP F 48 -18.54 0.55 7.59
CA TRP F 48 -18.96 -0.26 6.45
C TRP F 48 -18.41 -1.66 6.56
N SER F 49 -17.11 -1.79 6.89
CA SER F 49 -16.50 -3.11 7.06
C SER F 49 -17.18 -3.89 8.18
N ALA F 50 -17.54 -3.19 9.25
CA ALA F 50 -18.19 -3.84 10.38
C ALA F 50 -19.56 -4.39 9.98
N LYS F 51 -20.32 -3.62 9.19
CA LYS F 51 -21.60 -4.10 8.69
C LYS F 51 -21.42 -5.37 7.87
N GLU F 52 -20.44 -5.38 6.96
CA GLU F 52 -20.19 -6.54 6.12
C GLU F 52 -19.71 -7.74 6.94
N ALA F 53 -18.83 -7.49 7.90
CA ALA F 53 -18.33 -8.56 8.74
C ALA F 53 -19.48 -9.18 9.52
N VAL F 54 -20.31 -8.33 10.11
CA VAL F 54 -21.46 -8.82 10.85
C VAL F 54 -22.39 -9.66 9.97
N PHE F 55 -22.63 -9.21 8.74
CA PHE F 55 -23.50 -9.94 7.84
C PHE F 55 -22.94 -11.34 7.58
N LYS F 56 -21.64 -11.42 7.32
CA LYS F 56 -21.03 -12.70 6.99
C LYS F 56 -21.10 -13.68 8.15
N SER F 57 -21.14 -13.15 9.36
CA SER F 57 -21.15 -14.00 10.56
C SER F 57 -22.54 -14.58 10.85
N LEU F 58 -23.57 -14.04 10.20
CA LEU F 58 -24.95 -14.45 10.48
C LEU F 58 -25.26 -15.82 9.87
N GLY F 59 -24.58 -16.14 8.77
CA GLY F 59 -24.81 -17.42 8.10
C GLY F 59 -26.16 -17.42 7.42
N VAL F 60 -26.42 -16.37 6.63
CA VAL F 60 -27.65 -16.26 5.87
C VAL F 60 -27.33 -15.96 4.41
N LYS F 61 -28.34 -16.06 3.56
CA LYS F 61 -28.14 -15.78 2.15
C LYS F 61 -28.15 -14.27 1.88
N ALA F 67 -27.87 -4.63 -1.93
CA ALA F 67 -28.85 -4.46 -0.86
C ALA F 67 -28.30 -3.61 0.28
N ALA F 68 -29.14 -2.70 0.78
CA ALA F 68 -28.74 -1.79 1.85
C ALA F 68 -28.45 -2.55 3.13
N LEU F 69 -27.42 -2.10 3.86
CA LEU F 69 -27.03 -2.70 5.12
C LEU F 69 -27.43 -1.81 6.30
N LYS F 70 -28.40 -0.94 6.08
CA LYS F 70 -28.83 -0.04 7.13
C LYS F 70 -29.40 -0.81 8.32
N ASP F 71 -29.93 -2.01 8.05
CA ASP F 71 -30.54 -2.87 9.08
C ASP F 71 -29.54 -3.40 10.11
N ILE F 72 -28.26 -3.40 9.74
CA ILE F 72 -27.22 -3.84 10.67
C ILE F 72 -26.56 -2.58 11.22
N GLU F 73 -26.89 -2.24 12.46
CA GLU F 73 -26.43 -0.97 13.00
C GLU F 73 -25.29 -1.13 13.99
N ILE F 74 -24.24 -0.36 13.79
CA ILE F 74 -23.12 -0.33 14.70
C ILE F 74 -23.32 0.81 15.69
N VAL F 75 -23.43 0.48 16.97
CA VAL F 75 -23.63 1.48 18.02
C VAL F 75 -22.42 1.53 18.93
N ARG F 76 -22.27 2.58 19.73
CA ARG F 76 -21.08 2.65 20.55
C ARG F 76 -21.36 2.40 22.04
N VAL F 77 -20.39 1.78 22.71
CA VAL F 77 -20.50 1.54 24.14
C VAL F 77 -19.78 2.64 24.92
N ASN F 78 -18.52 2.38 25.24
CA ASN F 78 -17.70 3.34 25.96
C ASN F 78 -17.32 4.52 25.09
N LYS F 79 -18.34 5.22 24.61
CA LYS F 79 -18.19 6.32 23.66
C LYS F 79 -17.78 5.84 22.26
N ASN F 80 -16.65 5.13 22.16
CA ASN F 80 -16.07 4.80 20.86
C ASN F 80 -16.04 3.31 20.47
N ALA F 81 -16.30 2.41 21.42
CA ALA F 81 -16.22 0.98 21.15
C ALA F 81 -17.49 0.51 20.42
N PRO F 82 -17.32 -0.29 19.35
CA PRO F 82 -18.49 -0.70 18.55
C PRO F 82 -19.26 -1.89 19.14
N ALA F 83 -20.58 -1.79 19.17
CA ALA F 83 -21.46 -2.89 19.52
C ALA F 83 -22.44 -3.06 18.35
N VAL F 84 -23.09 -4.21 18.28
CA VAL F 84 -24.00 -4.50 17.19
C VAL F 84 -25.47 -4.50 17.63
N GLU F 85 -26.32 -3.88 16.83
CA GLU F 85 -27.76 -3.92 17.03
C GLU F 85 -28.42 -4.26 15.72
N LEU F 86 -29.13 -5.38 15.68
CA LEU F 86 -29.81 -5.81 14.47
C LEU F 86 -31.25 -5.32 14.47
N HIS F 87 -31.73 -4.89 13.32
CA HIS F 87 -33.11 -4.45 13.17
C HIS F 87 -33.73 -5.11 11.95
N GLY F 88 -35.05 -4.94 11.79
CA GLY F 88 -35.75 -5.37 10.59
C GLY F 88 -35.42 -6.77 10.13
N ASN F 89 -35.09 -6.92 8.85
CA ASN F 89 -34.78 -8.23 8.27
C ASN F 89 -33.56 -8.91 8.87
N ALA F 90 -32.55 -8.11 9.22
CA ALA F 90 -31.33 -8.66 9.81
C ALA F 90 -31.67 -9.35 11.13
N LYS F 91 -32.52 -8.71 11.93
CA LYS F 91 -32.91 -9.26 13.21
C LYS F 91 -33.68 -10.56 13.02
N LYS F 92 -34.66 -10.54 12.12
CA LYS F 92 -35.44 -11.74 11.81
C LYS F 92 -34.54 -12.88 11.35
N ALA F 93 -33.72 -12.60 10.34
CA ALA F 93 -32.83 -13.61 9.78
C ALA F 93 -31.90 -14.19 10.86
N ALA F 94 -31.37 -13.32 11.71
CA ALA F 94 -30.48 -13.75 12.79
C ALA F 94 -31.21 -14.65 13.79
N GLU F 95 -32.38 -14.20 14.24
CA GLU F 95 -33.18 -14.99 15.17
C GLU F 95 -33.55 -16.33 14.55
N GLU F 96 -33.90 -16.31 13.27
CA GLU F 96 -34.23 -17.52 12.53
C GLU F 96 -33.03 -18.47 12.46
N ALA F 97 -31.82 -17.92 12.56
CA ALA F 97 -30.61 -18.73 12.53
C ALA F 97 -30.14 -19.10 13.93
N GLY F 98 -30.86 -18.63 14.95
CA GLY F 98 -30.52 -18.91 16.33
C GLY F 98 -29.39 -18.06 16.90
N VAL F 99 -29.02 -17.00 16.20
CA VAL F 99 -27.98 -16.10 16.71
C VAL F 99 -28.48 -15.33 17.91
N THR F 100 -27.74 -15.42 19.01
CA THR F 100 -28.16 -14.78 20.26
C THR F 100 -27.33 -13.53 20.58
N ASP F 101 -26.19 -13.40 19.92
CA ASP F 101 -25.31 -12.26 20.16
C ASP F 101 -24.28 -12.11 19.05
N VAL F 102 -23.85 -10.87 18.80
CA VAL F 102 -22.80 -10.59 17.84
C VAL F 102 -21.82 -9.54 18.36
N LYS F 103 -20.54 -9.87 18.33
CA LYS F 103 -19.49 -8.94 18.72
C LYS F 103 -18.75 -8.51 17.46
N VAL F 104 -18.28 -7.27 17.42
CA VAL F 104 -17.55 -6.77 16.27
C VAL F 104 -16.37 -5.91 16.70
N SER F 105 -15.34 -5.85 15.86
CA SER F 105 -14.20 -4.97 16.09
C SER F 105 -13.79 -4.29 14.78
N ILE F 106 -13.29 -3.08 14.88
CA ILE F 106 -12.95 -2.29 13.70
C ILE F 106 -11.53 -1.74 13.80
N SER F 107 -10.86 -1.65 12.66
CA SER F 107 -9.53 -1.06 12.60
C SER F 107 -9.26 -0.47 11.22
N HIS F 108 -8.30 0.44 11.14
CA HIS F 108 -7.90 0.97 9.84
C HIS F 108 -6.48 1.52 9.84
N ASP F 109 -5.81 1.42 8.69
CA ASP F 109 -4.56 2.12 8.44
C ASP F 109 -4.65 2.67 7.02
N ASP F 110 -3.54 3.20 6.50
CA ASP F 110 -3.55 3.86 5.19
C ASP F 110 -4.03 2.99 4.04
N LEU F 111 -3.82 1.68 4.14
CA LEU F 111 -4.19 0.79 3.04
C LEU F 111 -5.68 0.44 3.04
N GLN F 112 -6.26 0.27 4.22
CA GLN F 112 -7.62 -0.27 4.29
C GLN F 112 -8.22 -0.21 5.68
N ALA F 113 -9.54 -0.31 5.73
CA ALA F 113 -10.24 -0.56 6.97
C ALA F 113 -10.56 -2.03 7.01
N VAL F 114 -10.62 -2.60 8.21
CA VAL F 114 -10.94 -4.00 8.37
C VAL F 114 -11.81 -4.20 9.61
N ALA F 115 -12.73 -5.16 9.55
CA ALA F 115 -13.59 -5.46 10.69
C ALA F 115 -13.73 -6.96 10.82
N VAL F 116 -13.83 -7.42 12.05
CA VAL F 116 -14.05 -8.83 12.31
C VAL F 116 -15.24 -8.99 13.28
N ALA F 117 -16.16 -9.88 12.91
CA ALA F 117 -17.32 -10.17 13.75
C ALA F 117 -17.36 -11.65 14.15
N VAL F 118 -17.89 -11.92 15.33
CA VAL F 118 -18.14 -13.28 15.78
C VAL F 118 -19.54 -13.36 16.34
N SER F 119 -20.28 -14.38 15.93
CA SER F 119 -21.66 -14.55 16.36
C SER F 119 -21.80 -15.79 17.22
N THR F 120 -22.82 -15.78 18.08
CA THR F 120 -23.06 -16.86 19.03
C THR F 120 -24.45 -17.39 18.81
N LYS F 121 -24.63 -18.70 18.95
CA LYS F 121 -25.92 -19.32 18.69
C LYS F 121 -26.47 -19.94 19.96
CL CL G . 36.27 11.66 -6.31
N1A COA H . 20.07 1.07 -16.35
C2A COA H . 18.86 1.72 -16.27
N3A COA H . 17.70 1.01 -15.99
C4A COA H . 17.77 -0.33 -15.79
C5A COA H . 18.98 -1.00 -15.88
C6A COA H . 20.14 -0.30 -16.16
N6A COA H . 21.32 -0.91 -16.08
N7A COA H . 18.75 -2.31 -15.64
C8A COA H . 17.42 -2.49 -15.42
N9A COA H . 16.80 -1.27 -15.51
C1B COA H . 15.38 -1.02 -15.26
C2B COA H . 14.59 -2.17 -15.86
O2B COA H . 13.49 -1.62 -16.54
C3B COA H . 14.07 -2.97 -14.68
O3B COA H . 12.75 -3.39 -14.87
P3B COA H . 12.44 -4.50 -15.97
O7A COA H . 11.95 -3.73 -17.17
O8A COA H . 11.38 -5.47 -15.48
O9A COA H . 13.67 -5.29 -16.29
C4B COA H . 14.14 -1.98 -13.54
O4B COA H . 15.15 -1.05 -13.87
C5B COA H . 14.40 -2.65 -12.19
O5B COA H . 14.33 -1.58 -11.28
P1A COA H . 13.58 -1.73 -9.88
O1A COA H . 12.30 -2.50 -10.09
O2A COA H . 13.28 -0.33 -9.37
O3A COA H . 14.48 -2.50 -8.79
P2A COA H . 15.47 -3.75 -9.00
O4A COA H . 15.98 -4.14 -7.63
O5A COA H . 14.76 -4.93 -9.64
O6A COA H . 16.68 -3.23 -9.93
CBP COA H . 18.73 -1.97 -10.37
CCP COA H . 17.35 -2.01 -9.70
CDP COA H . 18.58 -2.01 -11.89
CEP COA H . 19.37 -0.64 -9.98
CAP COA H . 19.66 -3.10 -9.92
OAP COA H . 19.91 -3.00 -8.54
C9P COA H . 19.19 -4.48 -10.28
O9P COA H . 18.81 -4.81 -11.59
N8P COA H . 19.18 -5.35 -9.28
C7P COA H . 18.20 -6.42 -9.17
C6P COA H . 18.81 -7.77 -9.52
C5P COA H . 19.83 -8.16 -8.49
O5P COA H . 19.91 -7.54 -7.40
N4P COA H . 20.62 -9.19 -8.81
C3P COA H . 21.72 -9.60 -7.99
C2P COA H . 21.82 -11.11 -7.90
S1P COA H . 22.16 -11.67 -6.23
N1A COA I . -1.13 13.79 -22.78
C2A COA I . -0.39 13.80 -21.61
N3A COA I . -1.02 13.65 -20.39
C4A COA I . -2.35 13.47 -20.34
C5A COA I . -3.11 13.45 -21.52
C6A COA I . -2.48 13.60 -22.74
N6A COA I . -3.21 13.71 -23.84
N7A COA I . -4.41 13.26 -21.18
C8A COA I . -4.48 13.16 -19.83
N9A COA I . -3.22 13.29 -19.31
C1B COA I . -2.84 13.27 -17.89
C2B COA I . -3.81 14.11 -17.07
O2B COA I . -2.97 14.83 -16.22
C3B COA I . -4.62 13.15 -16.24
O3B COA I . -4.77 13.66 -14.94
P3B COA I . -5.73 14.90 -14.57
O7A COA I . -4.95 16.15 -14.86
O8A COA I . -6.04 14.82 -13.11
O9A COA I . -7.02 14.84 -15.35
C4B COA I . -3.73 11.92 -16.21
O4B COA I . -2.93 11.95 -17.38
C5B COA I . -4.45 10.60 -16.20
O5B COA I . -3.41 9.67 -16.04
P1A COA I . -3.65 8.28 -15.29
O1A COA I . -4.24 8.56 -13.92
O2A COA I . -2.34 7.55 -15.20
O3A COA I . -4.84 7.55 -16.10
P2A COA I . -4.62 6.39 -17.19
O4A COA I . -3.62 5.35 -16.68
O5A COA I . -6.00 5.85 -17.46
O6A COA I . -4.04 6.99 -18.56
CBP COA I . -4.09 8.26 -20.55
CCP COA I . -4.34 8.28 -19.05
CDP COA I . -4.83 9.43 -21.20
CEP COA I . -2.61 8.36 -20.85
CAP COA I . -4.60 6.95 -21.15
OAP COA I . -5.95 6.75 -20.79
C9P COA I . -4.49 7.01 -22.64
O9P COA I . -5.48 7.64 -23.39
N8P COA I . -3.43 6.46 -23.21
C7P COA I . -3.25 6.60 -24.65
C6P COA I . -4.08 5.59 -25.42
C5P COA I . -3.89 5.77 -26.91
O5P COA I . -3.95 6.89 -27.45
N4P COA I . -3.62 4.67 -27.60
C3P COA I . -3.07 4.74 -28.94
C2P COA I . -1.70 4.08 -29.00
S1P COA I . -0.37 5.30 -29.17
MG MG J . -2.80 4.44 -13.83
MG MG K . 12.60 -1.06 -6.27
CL CL L . 5.76 1.91 -38.33
N1A COA M . 13.07 22.24 -3.53
C2A COA M . 13.06 20.98 -4.10
N3A COA M . 13.08 19.86 -3.30
C4A COA M . 13.07 19.98 -1.96
C5A COA M . 13.06 21.23 -1.36
C6A COA M . 13.07 22.37 -2.17
N6A COA M . 13.29 23.56 -1.62
N7A COA M . 13.07 21.06 -0.02
C8A COA M . 13.08 19.74 0.24
N9A COA M . 13.07 19.06 -0.95
C1B COA M . 12.98 17.61 -1.12
C2B COA M . 13.86 16.89 -0.11
O2B COA M . 14.58 15.92 -0.82
C3B COA M . 12.91 16.15 0.81
O3B COA M . 13.38 14.86 1.09
P3B COA M . 14.73 14.69 1.93
O7A COA M . 15.87 14.77 0.96
O8A COA M . 14.73 13.35 2.60
O9A COA M . 14.85 15.79 2.95
C4B COA M . 11.68 16.04 -0.05
O4B COA M . 11.66 17.20 -0.86
C5B COA M . 10.43 15.96 0.79
O5B COA M . 9.49 15.54 -0.14
P1A COA M . 8.08 15.02 0.37
O1A COA M . 8.35 13.73 1.09
O2A COA M . 7.23 14.89 -0.87
O3A COA M . 7.51 16.05 1.47
P2A COA M . 6.28 17.09 1.30
O4A COA M . 5.17 16.48 0.48
O5A COA M . 5.82 17.48 2.68
O6A COA M . 6.79 18.42 0.54
CBP COA M . 8.01 20.39 0.16
CCP COA M . 8.09 18.95 0.64
CDP COA M . 9.32 21.10 0.47
CEP COA M . 7.75 20.40 -1.34
CAP COA M . 6.86 21.08 0.90
OAP COA M . 6.98 20.69 2.25
C9P COA M . 6.94 22.57 0.88
O9P COA M . 7.57 23.24 1.93
N8P COA M . 6.42 23.27 -0.12
C7P COA M . 6.81 24.67 -0.23
C6P COA M . 5.64 25.61 -0.05
C5P COA M . 5.95 26.97 -0.62
O5P COA M . 7.08 27.45 -0.41
N4P COA M . 4.97 27.56 -1.31
C3P COA M . 5.07 28.83 -2.02
C2P COA M . 5.12 28.71 -3.56
S1P COA M . 6.53 29.61 -4.29
MG MG N . 4.50 13.69 -0.08
MG MG O . 1.29 -13.70 5.77
CL CL P . -7.55 -38.67 4.92
N1A COA Q . 0.28 -21.84 15.69
C2A COA Q . -0.39 -20.65 15.68
N3A COA Q . 0.28 -19.49 15.34
C4A COA Q . 1.59 -19.53 15.01
C5A COA Q . 2.28 -20.73 15.02
C6A COA Q . 1.61 -21.91 15.37
N6A COA Q . 2.21 -23.10 15.31
N7A COA Q . 3.55 -20.48 14.66
C8A COA Q . 3.69 -19.16 14.43
N9A COA Q . 2.48 -18.55 14.65
C1B COA Q . 2.17 -17.11 14.56
C2B COA Q . 3.25 -16.27 15.22
O2B COA Q . 2.59 -15.29 16.00
C3B COA Q . 3.95 -15.55 14.10
O3B COA Q . 4.25 -14.23 14.48
P3B COA Q . 5.35 -13.92 15.61
O7A COA Q . 4.63 -13.96 16.94
O8A COA Q . 5.88 -12.51 15.37
O9A COA Q . 6.49 -14.91 15.61
C4B COA Q . 2.93 -15.58 12.98
O4B COA Q . 2.13 -16.72 13.21
C5B COA Q . 3.55 -15.68 11.60
O5B COA Q . 2.50 -15.37 10.72
P1A COA Q . 2.80 -14.78 9.26
O1A COA Q . 3.42 -13.41 9.46
O2A COA Q . 1.52 -14.66 8.48
O3A COA Q . 3.91 -15.76 8.61
P2A COA Q . 3.52 -16.92 7.55
O4A COA Q . 2.50 -16.39 6.57
O5A COA Q . 4.79 -17.33 6.82
O6A COA Q . 2.87 -18.19 8.30
CBP COA Q . 2.90 -20.07 9.75
CCP COA Q . 3.25 -18.60 9.59
CDP COA Q . 3.51 -20.56 11.06
CEP COA Q . 1.38 -20.21 9.79
CAP COA Q . 3.47 -20.88 8.57
OAP COA Q . 4.79 -20.44 8.32
C9P COA Q . 3.51 -22.36 8.81
O9P COA Q . 4.56 -22.93 9.55
N8P COA Q . 2.54 -23.14 8.31
C7P COA Q . 2.45 -24.52 8.75
C6P COA Q . 2.54 -25.54 7.62
C5P COA Q . 2.23 -26.92 8.17
O5P COA Q . 2.75 -27.26 9.25
N4P COA Q . 1.41 -27.69 7.45
C3P COA Q . 0.82 -28.93 7.94
C2P COA Q . -0.59 -28.81 8.53
S1P COA Q . -0.75 -29.50 10.20
N1A COA R . -12.64 -0.79 22.90
C2A COA R . -12.78 -1.54 21.75
N3A COA R . -12.80 -0.94 20.51
C4A COA R . -12.66 0.40 20.42
C5A COA R . -12.54 1.18 21.56
C6A COA R . -12.52 0.59 22.83
N6A COA R . -12.80 1.34 23.90
N7A COA R . -12.43 2.47 21.18
C8A COA R . -12.50 2.53 19.84
N9A COA R . -12.65 1.26 19.34
C1B COA R . -12.63 0.89 17.92
C2B COA R . -13.42 1.96 17.17
O2B COA R . -14.25 1.28 16.27
C3B COA R . -12.39 2.76 16.39
O3B COA R . -12.86 3.05 15.09
P3B COA R . -14.10 4.05 14.85
O7A COA R . -15.31 3.15 14.67
O8A COA R . -13.91 4.91 13.61
O9A COA R . -14.27 4.96 16.04
C4B COA R . -11.22 1.80 16.31
O4B COA R . -11.31 0.95 17.44
C5B COA R . -9.87 2.48 16.24
O5B COA R . -9.07 1.46 15.70
P1A COA R . -7.65 1.73 15.01
O1A COA R . -7.90 2.31 13.65
O2A COA R . -6.90 0.43 14.91
O3A COA R . -6.85 2.82 15.90
P2A COA R . -5.75 2.39 16.99
O4A COA R . -4.82 1.31 16.49
O5A COA R . -4.97 3.63 17.37
O6A COA R . -6.52 1.87 18.29
CBP COA R . -7.56 2.31 20.34
CCP COA R . -7.61 2.56 18.84
CDP COA R . -8.77 2.96 21.00
CEP COA R . -7.58 0.82 20.59
CAP COA R . -6.26 2.94 20.86
OAP COA R . -6.30 4.32 20.57
C9P COA R . -6.13 2.83 22.35
O9P COA R . -6.70 3.84 23.13
N8P COA R . -5.45 1.81 22.88
C7P COA R . -5.66 1.43 24.28
C6P COA R . -5.16 2.50 25.25
C5P COA R . -5.30 2.05 26.70
O5P COA R . -6.30 2.34 27.36
N4P COA R . -4.26 1.37 27.20
C3P COA R . -4.22 0.94 28.59
C2P COA R . -4.11 -0.58 28.74
S1P COA R . -5.37 -1.30 29.82
MG MG S . -4.31 1.24 13.43
CL CL T . 0.61 -8.68 38.20
#